data_9D3N
#
_entry.id   9D3N
#
_cell.length_a   1.00
_cell.length_b   1.00
_cell.length_c   1.00
_cell.angle_alpha   90.00
_cell.angle_beta   90.00
_cell.angle_gamma   90.00
#
_symmetry.space_group_name_H-M   'P 1'
#
loop_
_entity.id
_entity.type
_entity.pdbx_description
1 polymer 'Histone H3.2'
2 polymer 'Histone H4'
3 polymer 'Histone H2A type 2-A'
4 polymer 'Histone H2B type 1-M'
5 polymer 'Histone H2A type 2-A'
6 polymer '5S rDNA (noncoding strand)'
7 polymer '5S rDNA (coding strand)'
#
loop_
_entity_poly.entity_id
_entity_poly.type
_entity_poly.pdbx_seq_one_letter_code
_entity_poly.pdbx_strand_id
1 'polypeptide(L)'
;GTVALREIRRYQKSTELLIRKLPFQRLVREIAQDFKTDLRFQSSAVMALQEASEAYLVGLFEDTNLCAIHAKRVTIMPKD
IQLARRIRGE
;
A,E
2 'polypeptide(L)' DNIQGITKPAIRRLARRGGVKRISGLIYEETRGVLKVFLENVIRDAVTYTEHAKRKTVTAMDVVYALKRQGRTLYGFGG B,F
3 'polypeptide(L)'
;SRSSRAGLQFPVGRVHRLLRKGNYAERVGAGAPVYMAAVLEYLTAEILELAGNAARDNKKTRIIPRHLQLAIRNDEELNK
LLGKVTIAQGG
;
C
4 'polypeptide(L)'
;SYSVYVYKVLKQVHPDTGISSKAMGIMNSFVNDIFERIAGEASRLAHYNKRSTITSREIQTAVRLLLPGELAKHAVSEGT
KAVTKYTSS
;
D,H
5 'polypeptide(L)'
;SSRAGLQFPVGRVHRLLRKGNYAERVGAGAPVYMAAVLEYLTAEILELAGNAARDNKKTRIIPRHLQLAIRNDEELNKLL
GKVTIAQGGVL
;
G
6 'polydeoxyribonucleotide'
;(DG)(DA)(DC)(DC)(DC)(DT)(DG)(DG)(DC)(DA)(DT)(DG)(DG)(DG)(DG)(DA)(DG)(DG)(DA)(DG)
(DC)(DT)(DG)(DG)(DG)(DC)(DC)(DC)(DC)(DC)(DC)(DC)(DC)(DA)(DG)(DA)(DA)(DG)(DG)(DC)
(DA)(DG)(DC)(DA)(DC)(DA)(DA)(DG)(DG)(DG)(DG)(DA)(DG)(DG)(DA)(DA)(DA)(DA)(DG)(DT)
(DC)(DA)(DG)(DC)(DC)(DT)(DT)(DG)(DT)(DG)(DC)(DT)(DC)(DG)(DC)(DC)(DT)(DA)(DC)(DG)
(DG)(DC)(DC)(DA)(DT)(DA)(DC)(DC)(DA)(DC)(DC)(DC)(DT)(DG)(DA)(DA)
;
I
7 'polydeoxyribonucleotide'
;(DT)(DT)(DC)(DA)(DG)(DG)(DG)(DT)(DG)(DG)(DT)(DA)(DT)(DG)(DG)(DC)(DC)(DG)(DT)(DA)
(DG)(DG)(DC)(DG)(DA)(DG)(DC)(DA)(DC)(DA)(DA)(DG)(DG)(DC)(DT)(DG)(DA)(DC)(DT)(DT)
(DT)(DT)(DC)(DC)(DT)(DC)(DC)(DC)(DC)(DT)(DT)(DG)(DT)(DG)(DC)(DT)(DG)(DC)(DC)(DT)
(DT)(DC)(DT)(DG)(DG)(DG)(DG)(DG)(DG)(DG)(DG)(DC)(DC)(DC)(DA)(DG)(DC)(DT)(DC)(DC)
(DT)(DC)(DC)(DC)(DC)(DA)(DT)(DG)(DC)(DC)(DA)(DG)(DG)(DG)(DT)(DC)
;
J
#
loop_
_chem_comp.id
_chem_comp.type
_chem_comp.name
_chem_comp.formula
DA DNA linking 2'-DEOXYADENOSINE-5'-MONOPHOSPHATE 'C10 H14 N5 O6 P'
DC DNA linking 2'-DEOXYCYTIDINE-5'-MONOPHOSPHATE 'C9 H14 N3 O7 P'
DG DNA linking 2'-DEOXYGUANOSINE-5'-MONOPHOSPHATE 'C10 H14 N5 O7 P'
DT DNA linking THYMIDINE-5'-MONOPHOSPHATE 'C10 H15 N2 O8 P'
#
# COMPACT_ATOMS: atom_id res chain seq x y z
N GLY A 1 39.13 0.34 -4.06
CA GLY A 1 39.46 1.52 -3.29
C GLY A 1 39.09 2.82 -3.97
N THR A 2 40.09 3.53 -4.48
CA THR A 2 39.84 4.79 -5.16
C THR A 2 39.03 4.60 -6.44
N VAL A 3 39.29 3.52 -7.18
CA VAL A 3 38.53 3.26 -8.40
C VAL A 3 37.06 3.00 -8.08
N ALA A 4 36.80 2.17 -7.06
CA ALA A 4 35.41 1.92 -6.67
C ALA A 4 34.73 3.18 -6.16
N LEU A 5 35.45 3.99 -5.38
CA LEU A 5 34.87 5.23 -4.89
C LEU A 5 34.55 6.19 -6.03
N ARG A 6 35.45 6.31 -7.01
CA ARG A 6 35.20 7.16 -8.17
C ARG A 6 34.04 6.66 -9.02
N GLU A 7 33.92 5.35 -9.21
CA GLU A 7 32.75 4.80 -9.89
C GLU A 7 31.46 5.06 -9.14
N ILE A 8 31.47 4.91 -7.81
CA ILE A 8 30.30 5.24 -7.01
C ILE A 8 29.91 6.69 -7.20
N ARG A 9 30.89 7.60 -7.12
CA ARG A 9 30.61 9.02 -7.31
C ARG A 9 30.04 9.31 -8.69
N ARG A 10 30.66 8.75 -9.74
CA ARG A 10 30.21 9.02 -11.10
C ARG A 10 28.80 8.50 -11.34
N TYR A 11 28.48 7.30 -10.88
CA TYR A 11 27.16 6.75 -11.13
C TYR A 11 26.11 7.22 -10.14
N GLN A 12 26.51 7.88 -9.06
CA GLN A 12 25.54 8.58 -8.22
C GLN A 12 25.24 9.98 -8.72
N LYS A 13 26.20 10.62 -9.38
CA LYS A 13 25.99 11.94 -9.96
C LYS A 13 25.28 11.90 -11.31
N SER A 14 25.15 10.72 -11.91
CA SER A 14 24.58 10.59 -13.25
C SER A 14 23.18 9.99 -13.19
N THR A 15 22.39 10.26 -14.22
CA THR A 15 20.99 9.85 -14.28
C THR A 15 20.66 8.97 -15.48
N GLU A 16 21.65 8.45 -16.18
CA GLU A 16 21.37 7.70 -17.40
C GLU A 16 20.90 6.29 -17.07
N LEU A 17 20.57 5.54 -18.12
CA LEU A 17 20.12 4.16 -17.99
C LEU A 17 21.32 3.23 -17.94
N LEU A 18 21.27 2.24 -17.04
CA LEU A 18 22.42 1.40 -16.75
C LEU A 18 22.38 0.04 -17.43
N ILE A 19 21.22 -0.40 -17.91
CA ILE A 19 21.11 -1.66 -18.62
C ILE A 19 20.93 -1.36 -20.11
N ARG A 20 21.42 -2.25 -20.95
CA ARG A 20 21.36 -2.03 -22.38
C ARG A 20 19.96 -2.32 -22.92
N LYS A 21 19.51 -1.40 -23.77
CA LYS A 21 18.09 -1.34 -24.14
C LYS A 21 17.64 -2.56 -24.93
N LEU A 22 18.40 -2.95 -25.96
CA LEU A 22 17.97 -4.09 -26.77
C LEU A 22 17.95 -5.40 -26.00
N PRO A 23 18.97 -5.77 -25.22
CA PRO A 23 18.82 -6.97 -24.39
C PRO A 23 17.71 -6.87 -23.37
N PHE A 24 17.45 -5.68 -22.82
CA PHE A 24 16.29 -5.55 -21.94
C PHE A 24 15.00 -5.84 -22.69
N GLN A 25 14.88 -5.34 -23.92
CA GLN A 25 13.68 -5.61 -24.71
C GLN A 25 13.53 -7.08 -25.04
N ARG A 26 14.63 -7.76 -25.39
CA ARG A 26 14.54 -9.20 -25.61
C ARG A 26 14.10 -9.93 -24.35
N LEU A 27 14.59 -9.52 -23.18
CA LEU A 27 14.14 -10.14 -21.93
C LEU A 27 12.64 -9.92 -21.71
N VAL A 28 12.18 -8.68 -21.91
CA VAL A 28 10.78 -8.33 -21.69
C VAL A 28 9.90 -9.17 -22.62
N ARG A 29 10.27 -9.24 -23.90
CA ARG A 29 9.50 -10.03 -24.84
C ARG A 29 9.53 -11.52 -24.52
N GLU A 30 10.69 -12.05 -24.12
CA GLU A 30 10.77 -13.45 -23.69
C GLU A 30 9.82 -13.75 -22.56
N ILE A 31 9.76 -12.88 -21.56
CA ILE A 31 8.85 -13.10 -20.44
C ILE A 31 7.39 -12.93 -20.87
N ALA A 32 7.09 -11.98 -21.75
CA ALA A 32 5.70 -11.73 -22.14
C ALA A 32 5.13 -12.80 -23.07
N GLN A 33 5.98 -13.52 -23.81
CA GLN A 33 5.46 -14.57 -24.68
C GLN A 33 4.71 -15.64 -23.89
N ASP A 34 5.09 -15.90 -22.65
CA ASP A 34 4.38 -16.86 -21.82
C ASP A 34 2.97 -16.39 -21.49
N PHE A 35 2.80 -15.10 -21.21
CA PHE A 35 1.48 -14.58 -20.87
C PHE A 35 0.59 -14.46 -22.10
N LYS A 36 1.15 -14.01 -23.22
CA LYS A 36 0.34 -13.88 -24.44
C LYS A 36 1.24 -14.00 -25.67
N THR A 37 0.94 -14.97 -26.53
CA THR A 37 1.71 -15.16 -27.75
C THR A 37 1.42 -14.05 -28.75
N ASP A 38 2.44 -13.72 -29.55
CA ASP A 38 2.33 -12.76 -30.64
C ASP A 38 1.85 -11.40 -30.13
N LEU A 39 2.34 -11.04 -28.95
CA LEU A 39 2.03 -9.76 -28.33
C LEU A 39 2.95 -8.69 -28.89
N ARG A 40 2.53 -7.44 -28.78
CA ARG A 40 3.28 -6.30 -29.27
C ARG A 40 3.44 -5.29 -28.14
N PHE A 41 4.46 -4.44 -28.27
CA PHE A 41 4.80 -3.49 -27.23
C PHE A 41 5.03 -2.12 -27.84
N GLN A 42 4.40 -1.11 -27.25
CA GLN A 42 4.85 0.25 -27.49
C GLN A 42 6.24 0.43 -26.89
N SER A 43 7.10 1.14 -27.61
CA SER A 43 8.46 1.38 -27.15
C SER A 43 8.50 2.09 -25.80
N SER A 44 7.53 2.95 -25.51
CA SER A 44 7.46 3.60 -24.22
C SER A 44 7.04 2.65 -23.11
N ALA A 45 6.32 1.56 -23.43
CA ALA A 45 6.05 0.54 -22.42
C ALA A 45 7.33 -0.12 -21.93
N VAL A 46 8.23 -0.47 -22.86
CA VAL A 46 9.52 -1.02 -22.46
C VAL A 46 10.37 0.04 -21.78
N MET A 47 10.32 1.28 -22.27
CA MET A 47 11.08 2.36 -21.65
C MET A 47 10.59 2.69 -20.25
N ALA A 48 9.35 2.34 -19.90
CA ALA A 48 8.84 2.46 -18.54
C ALA A 48 9.15 1.25 -17.68
N LEU A 49 9.04 0.05 -18.24
CA LEU A 49 9.47 -1.14 -17.52
C LEU A 49 10.94 -1.06 -17.13
N GLN A 50 11.78 -0.50 -18.00
CA GLN A 50 13.21 -0.39 -17.69
C GLN A 50 13.43 0.60 -16.55
N GLU A 51 12.79 1.76 -16.60
CA GLU A 51 13.02 2.76 -15.58
C GLU A 51 12.36 2.39 -14.26
N ALA A 52 11.44 1.42 -14.28
CA ALA A 52 10.96 0.81 -13.04
C ALA A 52 11.91 -0.25 -12.50
N SER A 53 12.33 -1.20 -13.33
CA SER A 53 13.21 -2.28 -12.89
C SER A 53 14.57 -1.78 -12.41
N GLU A 54 15.16 -0.80 -13.10
CA GLU A 54 16.47 -0.32 -12.69
C GLU A 54 16.42 0.40 -11.35
N ALA A 55 15.40 1.23 -11.12
CA ALA A 55 15.24 1.86 -9.81
C ALA A 55 14.92 0.84 -8.72
N TYR A 56 14.14 -0.20 -9.04
CA TYR A 56 13.90 -1.27 -8.10
C TYR A 56 15.21 -1.95 -7.68
N LEU A 57 16.05 -2.26 -8.67
CA LEU A 57 17.34 -2.87 -8.36
C LEU A 57 18.24 -1.94 -7.57
N VAL A 58 18.22 -0.64 -7.87
CA VAL A 58 19.03 0.32 -7.12
C VAL A 58 18.59 0.36 -5.65
N GLY A 59 17.26 0.39 -5.42
CA GLY A 59 16.78 0.36 -4.04
C GLY A 59 17.13 -0.93 -3.33
N LEU A 60 17.00 -2.05 -4.04
CA LEU A 60 17.36 -3.34 -3.44
C LEU A 60 18.83 -3.39 -3.08
N PHE A 61 19.70 -2.84 -3.93
CA PHE A 61 21.13 -2.80 -3.62
C PHE A 61 21.46 -1.81 -2.50
N GLU A 62 20.71 -0.73 -2.36
CA GLU A 62 20.89 0.12 -1.18
C GLU A 62 20.55 -0.62 0.10
N ASP A 63 19.41 -1.32 0.12
CA ASP A 63 19.07 -2.11 1.30
C ASP A 63 20.08 -3.23 1.54
N THR A 64 20.58 -3.85 0.47
CA THR A 64 21.60 -4.89 0.61
C THR A 64 22.90 -4.31 1.15
N ASN A 65 23.24 -3.09 0.76
CA ASN A 65 24.42 -2.43 1.31
C ASN A 65 24.25 -2.18 2.81
N LEU A 66 23.06 -1.76 3.23
CA LEU A 66 22.80 -1.64 4.66
C LEU A 66 22.94 -2.98 5.37
N CYS A 67 22.41 -4.05 4.78
CA CYS A 67 22.55 -5.38 5.35
C CYS A 67 24.01 -5.83 5.45
N ALA A 68 24.82 -5.52 4.44
CA ALA A 68 26.24 -5.89 4.47
C ALA A 68 27.00 -5.10 5.52
N ILE A 69 26.70 -3.79 5.64
CA ILE A 69 27.30 -2.98 6.68
C ILE A 69 26.91 -3.47 8.06
N HIS A 70 25.70 -4.01 8.22
CA HIS A 70 25.27 -4.55 9.51
C HIS A 70 26.24 -5.63 10.00
N ALA A 71 26.64 -6.54 9.12
CA ALA A 71 27.50 -7.65 9.51
C ALA A 71 28.96 -7.24 9.54
N LYS A 72 29.23 -5.94 9.57
CA LYS A 72 30.58 -5.38 9.54
C LYS A 72 31.32 -5.85 8.29
N ARG A 73 30.77 -5.48 7.14
CA ARG A 73 31.30 -5.90 5.85
C ARG A 73 31.19 -4.75 4.87
N VAL A 74 31.97 -4.84 3.80
CA VAL A 74 31.80 -3.95 2.65
C VAL A 74 31.33 -4.72 1.43
N THR A 75 31.45 -6.04 1.41
CA THR A 75 30.98 -6.86 0.29
C THR A 75 29.51 -7.20 0.47
N ILE A 76 28.72 -6.95 -0.57
CA ILE A 76 27.31 -7.33 -0.56
C ILE A 76 27.18 -8.75 -1.10
N MET A 77 26.29 -9.53 -0.50
CA MET A 77 26.22 -10.96 -0.73
C MET A 77 24.78 -11.42 -0.94
N PRO A 78 24.60 -12.60 -1.56
CA PRO A 78 23.24 -13.14 -1.76
C PRO A 78 22.43 -13.21 -0.47
N LYS A 79 23.07 -13.60 0.63
CA LYS A 79 22.37 -13.68 1.90
C LYS A 79 21.88 -12.30 2.31
N ASP A 80 22.68 -11.28 2.06
CA ASP A 80 22.25 -9.91 2.35
C ASP A 80 21.07 -9.51 1.48
N ILE A 81 21.09 -9.89 0.19
CA ILE A 81 19.97 -9.59 -0.69
C ILE A 81 18.69 -10.24 -0.17
N GLN A 82 18.78 -11.53 0.20
CA GLN A 82 17.61 -12.23 0.70
C GLN A 82 17.11 -11.65 2.01
N LEU A 83 18.02 -11.22 2.89
CA LEU A 83 17.59 -10.59 4.13
C LEU A 83 16.85 -9.29 3.85
N ALA A 84 17.38 -8.47 2.96
CA ALA A 84 16.68 -7.23 2.61
C ALA A 84 15.31 -7.52 2.01
N ARG A 85 15.21 -8.54 1.17
CA ARG A 85 13.92 -8.87 0.56
C ARG A 85 12.93 -9.40 1.59
N ARG A 86 13.40 -10.20 2.56
CA ARG A 86 12.51 -10.69 3.61
C ARG A 86 12.00 -9.54 4.47
N ILE A 87 12.89 -8.61 4.85
CA ILE A 87 12.45 -7.50 5.69
C ILE A 87 11.53 -6.57 4.93
N ARG A 88 11.76 -6.39 3.63
CA ARG A 88 10.86 -5.59 2.82
C ARG A 88 9.50 -6.25 2.69
N GLY A 89 9.48 -7.54 2.41
CA GLY A 89 8.23 -8.27 2.26
C GLY A 89 8.21 -9.24 1.10
N GLU A 90 8.97 -8.95 0.06
CA GLU A 90 9.01 -9.83 -1.10
C GLU A 90 9.79 -11.10 -0.81
N ASP B 1 17.43 -17.64 -23.36
CA ASP B 1 18.17 -17.03 -22.25
C ASP B 1 18.59 -15.60 -22.59
N ASN B 2 17.63 -14.69 -22.64
CA ASN B 2 17.90 -13.28 -22.87
C ASN B 2 18.01 -12.53 -21.54
N ILE B 3 17.99 -13.27 -20.44
CA ILE B 3 18.29 -12.69 -19.13
C ILE B 3 19.79 -12.49 -18.96
N GLN B 4 20.60 -13.33 -19.62
CA GLN B 4 22.05 -13.13 -19.62
C GLN B 4 22.43 -11.77 -20.19
N GLY B 5 21.56 -11.18 -21.01
CA GLY B 5 21.79 -9.83 -21.50
C GLY B 5 21.78 -8.80 -20.40
N ILE B 6 21.35 -9.17 -19.20
CA ILE B 6 21.53 -8.33 -18.01
C ILE B 6 22.90 -8.69 -17.47
N THR B 7 23.91 -8.06 -18.05
CA THR B 7 25.28 -8.54 -17.90
C THR B 7 25.85 -8.15 -16.55
N LYS B 8 26.99 -8.76 -16.23
CA LYS B 8 27.70 -8.43 -15.00
C LYS B 8 28.11 -6.96 -14.91
N PRO B 9 28.66 -6.33 -15.95
CA PRO B 9 28.96 -4.89 -15.84
C PRO B 9 27.75 -4.02 -15.54
N ALA B 10 26.58 -4.33 -16.11
CA ALA B 10 25.38 -3.55 -15.80
C ALA B 10 24.98 -3.70 -14.34
N ILE B 11 25.07 -4.92 -13.81
CA ILE B 11 24.76 -5.15 -12.40
C ILE B 11 25.75 -4.41 -11.52
N ARG B 12 27.03 -4.40 -11.90
CA ARG B 12 28.02 -3.64 -11.15
C ARG B 12 27.74 -2.15 -11.18
N ARG B 13 27.31 -1.62 -12.33
CA ARG B 13 26.94 -0.21 -12.40
C ARG B 13 25.73 0.11 -11.53
N LEU B 14 24.72 -0.76 -11.54
CA LEU B 14 23.58 -0.58 -10.64
C LEU B 14 23.99 -0.62 -9.17
N ALA B 15 24.87 -1.55 -8.79
CA ALA B 15 25.36 -1.61 -7.42
C ALA B 15 26.14 -0.36 -7.05
N ARG B 16 27.00 0.11 -7.95
CA ARG B 16 27.79 1.32 -7.67
C ARG B 16 26.88 2.53 -7.53
N ARG B 17 25.80 2.60 -8.31
CA ARG B 17 24.81 3.64 -8.10
C ARG B 17 24.15 3.48 -6.74
N GLY B 18 23.88 2.24 -6.32
CA GLY B 18 23.32 2.02 -5.00
C GLY B 18 24.25 2.46 -3.88
N GLY B 19 25.56 2.37 -4.11
CA GLY B 19 26.53 2.77 -3.12
C GLY B 19 27.44 1.64 -2.69
N VAL B 20 27.27 0.48 -3.34
CA VAL B 20 28.04 -0.70 -3.00
C VAL B 20 29.52 -0.47 -3.31
N LYS B 21 30.39 -0.92 -2.40
CA LYS B 21 31.83 -0.76 -2.55
C LYS B 21 32.53 -2.03 -3.03
N ARG B 22 32.05 -3.20 -2.64
CA ARG B 22 32.56 -4.47 -3.17
C ARG B 22 31.38 -5.40 -3.42
N ILE B 23 31.54 -6.27 -4.41
CA ILE B 23 30.47 -7.15 -4.85
C ILE B 23 30.99 -8.59 -4.87
N SER B 24 30.14 -9.51 -4.41
CA SER B 24 30.49 -10.93 -4.42
C SER B 24 30.29 -11.52 -5.80
N GLY B 25 30.60 -12.81 -5.93
CA GLY B 25 30.55 -13.47 -7.22
C GLY B 25 29.20 -14.03 -7.62
N LEU B 26 28.31 -14.29 -6.65
CA LEU B 26 27.00 -14.83 -6.94
C LEU B 26 25.91 -13.76 -6.93
N ILE B 27 26.29 -12.51 -6.65
CA ILE B 27 25.35 -11.40 -6.68
C ILE B 27 24.71 -11.27 -8.05
N TYR B 28 25.46 -11.60 -9.11
CA TYR B 28 24.93 -11.49 -10.47
C TYR B 28 23.77 -12.45 -10.69
N GLU B 29 23.98 -13.72 -10.36
CA GLU B 29 22.90 -14.71 -10.50
C GLU B 29 21.72 -14.36 -9.60
N GLU B 30 21.99 -13.96 -8.35
CA GLU B 30 20.89 -13.63 -7.44
C GLU B 30 20.10 -12.44 -7.96
N THR B 31 20.78 -11.42 -8.48
CA THR B 31 20.11 -10.25 -9.01
C THR B 31 19.32 -10.56 -10.27
N ARG B 32 19.83 -11.46 -11.11
CA ARG B 32 19.05 -11.87 -12.28
C ARG B 32 17.77 -12.57 -11.84
N GLY B 33 17.87 -13.45 -10.83
CA GLY B 33 16.68 -14.08 -10.30
C GLY B 33 15.70 -13.09 -9.70
N VAL B 34 16.21 -12.06 -9.04
CA VAL B 34 15.35 -11.04 -8.47
C VAL B 34 14.66 -10.22 -9.55
N LEU B 35 15.39 -9.85 -10.60
CA LEU B 35 14.80 -9.08 -11.69
C LEU B 35 13.74 -9.87 -12.44
N LYS B 36 13.96 -11.17 -12.63
CA LYS B 36 12.92 -12.00 -13.24
C LYS B 36 11.97 -12.59 -12.19
N VAL B 37 11.53 -11.75 -11.25
CA VAL B 37 10.29 -11.96 -10.49
C VAL B 37 9.59 -10.62 -10.47
N PHE B 38 10.35 -9.56 -10.77
CA PHE B 38 9.77 -8.22 -10.92
C PHE B 38 9.16 -8.07 -12.31
N LEU B 39 9.91 -8.45 -13.33
CA LEU B 39 9.38 -8.42 -14.69
C LEU B 39 8.21 -9.41 -14.83
N GLU B 40 8.37 -10.61 -14.30
CA GLU B 40 7.39 -11.66 -14.48
C GLU B 40 6.08 -11.32 -13.77
N ASN B 41 6.10 -10.29 -12.93
CA ASN B 41 4.89 -9.82 -12.26
C ASN B 41 4.30 -8.57 -12.90
N VAL B 42 5.12 -7.54 -13.13
CA VAL B 42 4.59 -6.34 -13.76
C VAL B 42 4.13 -6.61 -15.18
N ILE B 43 4.86 -7.45 -15.93
CA ILE B 43 4.43 -7.79 -17.29
C ILE B 43 3.15 -8.61 -17.25
N ARG B 44 2.99 -9.50 -16.28
CA ARG B 44 1.74 -10.25 -16.18
C ARG B 44 0.56 -9.32 -15.91
N ASP B 45 0.73 -8.37 -14.98
CA ASP B 45 -0.34 -7.40 -14.74
C ASP B 45 -0.67 -6.57 -15.98
N ALA B 46 0.35 -6.06 -16.67
CA ALA B 46 0.13 -5.27 -17.89
C ALA B 46 -0.51 -6.08 -19.00
N VAL B 47 -0.12 -7.34 -19.18
CA VAL B 47 -0.72 -8.17 -20.21
C VAL B 47 -2.15 -8.51 -19.88
N THR B 48 -2.49 -8.74 -18.60
CA THR B 48 -3.89 -8.97 -18.28
C THR B 48 -4.73 -7.71 -18.48
N TYR B 49 -4.18 -6.53 -18.17
CA TYR B 49 -4.88 -5.29 -18.54
C TYR B 49 -5.11 -5.20 -20.03
N THR B 50 -4.07 -5.48 -20.83
CA THR B 50 -4.21 -5.40 -22.29
C THR B 50 -5.25 -6.37 -22.80
N GLU B 51 -5.23 -7.61 -22.30
CA GLU B 51 -6.21 -8.60 -22.71
C GLU B 51 -7.62 -8.19 -22.30
N HIS B 52 -7.80 -7.58 -21.13
CA HIS B 52 -9.11 -7.04 -20.77
C HIS B 52 -9.55 -5.98 -21.77
N ALA B 53 -8.63 -5.10 -22.16
CA ALA B 53 -8.96 -4.06 -23.13
C ALA B 53 -9.05 -4.58 -24.57
N LYS B 54 -9.00 -5.89 -24.77
CA LYS B 54 -9.13 -6.53 -26.08
C LYS B 54 -8.04 -6.10 -27.06
N ARG B 55 -6.99 -5.46 -26.56
CA ARG B 55 -5.88 -5.02 -27.38
C ARG B 55 -4.84 -6.14 -27.52
N LYS B 56 -3.80 -5.86 -28.31
CA LYS B 56 -2.64 -6.74 -28.39
C LYS B 56 -1.34 -5.95 -28.39
N THR B 57 -1.36 -4.71 -27.90
CA THR B 57 -0.16 -3.90 -27.76
C THR B 57 -0.13 -3.35 -26.34
N VAL B 58 0.85 -3.79 -25.56
CA VAL B 58 1.04 -3.21 -24.23
C VAL B 58 1.38 -1.74 -24.38
N THR B 59 0.96 -0.94 -23.40
CA THR B 59 1.05 0.50 -23.47
C THR B 59 1.77 1.03 -22.24
N ALA B 60 2.35 2.23 -22.37
CA ALA B 60 2.96 2.89 -21.24
C ALA B 60 1.97 3.05 -20.10
N MET B 61 0.70 3.31 -20.41
CA MET B 61 -0.31 3.44 -19.37
C MET B 61 -0.61 2.10 -18.71
N ASP B 62 -0.64 1.02 -19.50
CA ASP B 62 -0.80 -0.31 -18.92
C ASP B 62 0.33 -0.61 -17.95
N VAL B 63 1.57 -0.31 -18.35
CA VAL B 63 2.71 -0.53 -17.45
C VAL B 63 2.60 0.34 -16.20
N VAL B 64 2.21 1.60 -16.36
CA VAL B 64 2.11 2.51 -15.23
C VAL B 64 1.07 2.02 -14.23
N TYR B 65 -0.08 1.55 -14.72
CA TYR B 65 -1.10 1.02 -13.82
C TYR B 65 -0.64 -0.28 -13.15
N ALA B 66 -0.04 -1.19 -13.92
CA ALA B 66 0.50 -2.41 -13.34
C ALA B 66 1.55 -2.13 -12.28
N LEU B 67 2.27 -1.01 -12.41
CA LEU B 67 3.24 -0.61 -11.41
C LEU B 67 2.60 0.05 -10.20
N LYS B 68 1.58 0.88 -10.43
CA LYS B 68 0.94 1.59 -9.32
C LYS B 68 0.11 0.65 -8.45
N ARG B 69 -0.43 -0.41 -9.02
CA ARG B 69 -1.27 -1.27 -8.21
C ARG B 69 -0.47 -2.19 -7.30
N GLN B 70 0.82 -2.36 -7.58
CA GLN B 70 1.71 -3.08 -6.66
C GLN B 70 2.50 -2.13 -5.76
N GLY B 71 2.06 -0.89 -5.62
CA GLY B 71 2.72 0.06 -4.74
C GLY B 71 4.04 0.60 -5.25
N ARG B 72 4.17 0.81 -6.57
CA ARG B 72 5.37 1.39 -7.16
C ARG B 72 4.93 2.34 -8.28
N THR B 73 4.72 3.61 -7.91
CA THR B 73 4.23 4.60 -8.86
C THR B 73 5.35 5.02 -9.81
N LEU B 74 4.95 5.42 -11.03
CA LEU B 74 5.86 5.94 -12.04
C LEU B 74 5.44 7.34 -12.42
N TYR B 75 6.40 8.26 -12.50
CA TYR B 75 6.13 9.65 -12.86
C TYR B 75 6.81 9.94 -14.20
N GLY B 76 6.00 10.24 -15.22
CA GLY B 76 6.54 10.67 -16.49
C GLY B 76 6.01 9.92 -17.69
N PHE B 77 5.82 8.62 -17.57
CA PHE B 77 5.35 7.80 -18.70
C PHE B 77 3.83 7.69 -18.72
N GLY B 78 3.15 8.84 -18.69
CA GLY B 78 1.70 8.86 -18.74
C GLY B 78 1.16 10.16 -19.29
N GLY B 79 0.23 10.07 -20.23
CA GLY B 79 -0.36 11.25 -20.84
C GLY B 79 0.63 12.09 -21.62
N SER C 1 -35.04 -17.05 -5.58
CA SER C 1 -34.65 -15.82 -6.27
C SER C 1 -33.34 -16.03 -7.03
N ARG C 2 -32.56 -14.95 -7.17
CA ARG C 2 -31.28 -15.04 -7.86
C ARG C 2 -30.30 -15.93 -7.10
N SER C 3 -30.34 -15.86 -5.76
CA SER C 3 -29.43 -16.66 -4.94
C SER C 3 -29.59 -18.15 -5.23
N SER C 4 -30.84 -18.63 -5.29
CA SER C 4 -31.08 -20.02 -5.60
C SER C 4 -30.92 -20.31 -7.09
N ARG C 5 -31.27 -19.36 -7.95
CA ARG C 5 -31.22 -19.58 -9.38
C ARG C 5 -29.80 -19.69 -9.91
N ALA C 6 -28.83 -19.04 -9.26
CA ALA C 6 -27.44 -19.12 -9.65
C ALA C 6 -26.71 -20.29 -9.02
N GLY C 7 -27.41 -21.16 -8.30
CA GLY C 7 -26.78 -22.26 -7.61
C GLY C 7 -25.83 -21.82 -6.52
N LEU C 8 -26.23 -20.85 -5.72
CA LEU C 8 -25.35 -20.25 -4.73
C LEU C 8 -25.96 -20.26 -3.34
N GLN C 9 -25.30 -19.62 -2.38
CA GLN C 9 -25.81 -19.54 -1.02
C GLN C 9 -25.62 -18.15 -0.45
N PHE C 10 -25.14 -17.23 -1.28
CA PHE C 10 -24.87 -15.85 -0.91
C PHE C 10 -25.95 -14.93 -1.48
N PRO C 11 -26.17 -13.77 -0.86
CA PRO C 11 -27.25 -12.86 -1.32
C PRO C 11 -26.86 -12.07 -2.57
N VAL C 12 -27.22 -12.62 -3.73
CA VAL C 12 -27.00 -11.96 -5.01
C VAL C 12 -27.62 -10.57 -4.99
N GLY C 13 -28.84 -10.47 -4.44
CA GLY C 13 -29.50 -9.18 -4.34
C GLY C 13 -28.75 -8.19 -3.47
N ARG C 14 -28.22 -8.65 -2.34
CA ARG C 14 -27.46 -7.76 -1.46
C ARG C 14 -26.16 -7.32 -2.10
N VAL C 15 -25.48 -8.23 -2.80
CA VAL C 15 -24.25 -7.85 -3.51
C VAL C 15 -24.55 -6.84 -4.59
N HIS C 16 -25.66 -7.03 -5.33
CA HIS C 16 -26.04 -6.06 -6.35
C HIS C 16 -26.37 -4.71 -5.72
N ARG C 17 -27.08 -4.70 -4.60
CA ARG C 17 -27.40 -3.45 -3.93
C ARG C 17 -26.14 -2.74 -3.44
N LEU C 18 -25.19 -3.48 -2.87
CA LEU C 18 -23.94 -2.88 -2.43
C LEU C 18 -23.13 -2.36 -3.60
N LEU C 19 -23.12 -3.07 -4.72
CA LEU C 19 -22.44 -2.58 -5.92
C LEU C 19 -23.07 -1.29 -6.43
N ARG C 20 -24.41 -1.21 -6.44
CA ARG C 20 -25.08 -0.05 -6.98
C ARG C 20 -24.92 1.16 -6.07
N LYS C 21 -25.06 0.97 -4.76
CA LYS C 21 -24.94 2.08 -3.82
C LYS C 21 -23.49 2.36 -3.44
N GLY C 22 -22.55 1.51 -3.85
CA GLY C 22 -21.15 1.70 -3.55
C GLY C 22 -20.44 2.70 -4.44
N ASN C 23 -21.12 3.26 -5.43
CA ASN C 23 -20.55 4.23 -6.37
C ASN C 23 -19.30 3.67 -7.05
N TYR C 24 -19.42 2.41 -7.48
CA TYR C 24 -18.37 1.76 -8.23
C TYR C 24 -18.47 2.03 -9.73
N ALA C 25 -19.64 2.45 -10.20
CA ALA C 25 -19.83 2.89 -11.58
C ALA C 25 -21.17 3.59 -11.66
N GLU C 26 -21.36 4.35 -12.74
CA GLU C 26 -22.66 4.99 -12.95
C GLU C 26 -23.76 3.98 -13.20
N ARG C 27 -23.42 2.81 -13.74
CA ARG C 27 -24.36 1.72 -13.94
C ARG C 27 -23.68 0.41 -13.58
N VAL C 28 -24.48 -0.57 -13.21
CA VAL C 28 -23.98 -1.88 -12.80
C VAL C 28 -24.72 -2.96 -13.57
N GLY C 29 -23.97 -3.89 -14.15
CA GLY C 29 -24.55 -4.94 -14.97
C GLY C 29 -25.39 -5.90 -14.15
N ALA C 30 -25.89 -6.93 -14.85
CA ALA C 30 -26.75 -7.94 -14.25
C ALA C 30 -26.07 -9.29 -14.13
N GLY C 31 -24.74 -9.32 -14.24
CA GLY C 31 -23.99 -10.55 -14.04
C GLY C 31 -22.89 -10.36 -13.01
N ALA C 32 -22.55 -9.11 -12.76
CA ALA C 32 -21.53 -8.80 -11.75
C ALA C 32 -21.92 -9.26 -10.35
N PRO C 33 -23.14 -9.03 -9.86
CA PRO C 33 -23.50 -9.63 -8.56
C PRO C 33 -23.36 -11.14 -8.54
N VAL C 34 -23.78 -11.83 -9.61
CA VAL C 34 -23.69 -13.29 -9.63
C VAL C 34 -22.24 -13.76 -9.66
N TYR C 35 -21.35 -13.02 -10.32
CA TYR C 35 -19.94 -13.36 -10.37
C TYR C 35 -19.27 -13.12 -9.02
N MET C 36 -19.51 -11.93 -8.44
CA MET C 36 -18.93 -11.56 -7.16
C MET C 36 -19.38 -12.50 -6.06
N ALA C 37 -20.67 -12.85 -6.03
CA ALA C 37 -21.19 -13.73 -5.00
C ALA C 37 -20.52 -15.10 -5.08
N ALA C 38 -20.33 -15.62 -6.30
CA ALA C 38 -19.66 -16.90 -6.45
C ALA C 38 -18.19 -16.84 -6.04
N VAL C 39 -17.48 -15.76 -6.38
CA VAL C 39 -16.09 -15.63 -5.96
C VAL C 39 -15.98 -15.58 -4.44
N LEU C 40 -16.84 -14.77 -3.79
CA LEU C 40 -16.81 -14.68 -2.34
C LEU C 40 -17.18 -16.00 -1.69
N GLU C 41 -18.17 -16.71 -2.26
CA GLU C 41 -18.54 -18.01 -1.73
C GLU C 41 -17.39 -18.99 -1.82
N TYR C 42 -16.68 -19.00 -2.96
CA TYR C 42 -15.55 -19.92 -3.08
C TYR C 42 -14.45 -19.58 -2.09
N LEU C 43 -14.13 -18.30 -1.92
CA LEU C 43 -13.08 -17.92 -0.97
C LEU C 43 -13.47 -18.32 0.45
N THR C 44 -14.70 -18.01 0.85
CA THR C 44 -15.16 -18.33 2.20
C THR C 44 -15.18 -19.84 2.42
N ALA C 45 -15.60 -20.61 1.42
CA ALA C 45 -15.60 -22.06 1.54
C ALA C 45 -14.19 -22.60 1.67
N GLU C 46 -13.24 -22.07 0.90
CA GLU C 46 -11.86 -22.51 1.01
C GLU C 46 -11.31 -22.25 2.41
N ILE C 47 -11.50 -21.03 2.92
CA ILE C 47 -11.02 -20.71 4.25
C ILE C 47 -11.69 -21.52 5.34
N LEU C 48 -13.01 -21.74 5.24
CA LEU C 48 -13.72 -22.51 6.25
C LEU C 48 -13.48 -24.01 6.14
N GLU C 49 -12.99 -24.49 5.01
CA GLU C 49 -12.55 -25.88 4.90
C GLU C 49 -11.14 -26.08 5.42
N LEU C 50 -10.25 -25.09 5.25
CA LEU C 50 -8.93 -25.16 5.86
C LEU C 50 -8.96 -24.95 7.37
N ALA C 51 -9.72 -23.96 7.85
CA ALA C 51 -9.82 -23.72 9.28
C ALA C 51 -10.52 -24.87 9.99
N GLY C 52 -11.48 -25.51 9.30
CA GLY C 52 -12.11 -26.69 9.88
C GLY C 52 -11.13 -27.82 10.11
N ASN C 53 -10.27 -28.08 9.13
CA ASN C 53 -9.23 -29.10 9.31
C ASN C 53 -8.26 -28.71 10.41
N ALA C 54 -7.87 -27.42 10.45
CA ALA C 54 -6.95 -26.96 11.48
C ALA C 54 -7.54 -27.15 12.87
N ALA C 55 -8.82 -26.84 13.04
CA ALA C 55 -9.46 -26.98 14.34
C ALA C 55 -9.66 -28.44 14.71
N ARG C 56 -10.07 -29.28 13.75
CA ARG C 56 -10.24 -30.69 14.05
C ARG C 56 -8.90 -31.36 14.33
N ASP C 57 -7.80 -30.74 13.88
CA ASP C 57 -6.48 -31.26 14.23
C ASP C 57 -6.25 -31.18 15.73
N ASN C 58 -6.73 -30.11 16.38
CA ASN C 58 -6.64 -29.94 17.82
C ASN C 58 -7.80 -30.60 18.55
N LYS C 59 -8.63 -31.35 17.83
CA LYS C 59 -9.83 -31.97 18.39
C LYS C 59 -10.74 -30.92 19.02
N LYS C 60 -11.06 -29.87 18.28
CA LYS C 60 -11.95 -28.81 18.75
C LYS C 60 -13.00 -28.55 17.68
N THR C 61 -14.25 -28.42 18.12
CA THR C 61 -15.35 -28.18 17.19
C THR C 61 -15.47 -26.71 16.80
N ARG C 62 -15.71 -25.85 17.79
CA ARG C 62 -15.90 -24.43 17.51
C ARG C 62 -14.61 -23.83 16.96
N ILE C 63 -14.74 -23.06 15.88
CA ILE C 63 -13.59 -22.42 15.23
C ILE C 63 -13.35 -21.07 15.89
N ILE C 64 -12.11 -20.85 16.33
CA ILE C 64 -11.73 -19.63 17.04
C ILE C 64 -10.78 -18.84 16.14
N PRO C 65 -10.52 -17.56 16.43
CA PRO C 65 -9.64 -16.78 15.54
C PRO C 65 -8.27 -17.39 15.32
N ARG C 66 -7.74 -18.13 16.30
CA ARG C 66 -6.44 -18.75 16.13
C ARG C 66 -6.46 -19.80 15.02
N HIS C 67 -7.57 -20.55 14.90
CA HIS C 67 -7.69 -21.53 13.83
C HIS C 67 -7.64 -20.86 12.47
N LEU C 68 -8.37 -19.75 12.32
CA LEU C 68 -8.34 -18.97 11.09
C LEU C 68 -6.95 -18.42 10.78
N GLN C 69 -6.27 -17.89 11.80
CA GLN C 69 -4.91 -17.41 11.59
C GLN C 69 -3.98 -18.53 11.14
N LEU C 70 -4.09 -19.71 11.76
CA LEU C 70 -3.27 -20.85 11.36
C LEU C 70 -3.53 -21.26 9.93
N ALA C 71 -4.81 -21.34 9.52
CA ALA C 71 -5.11 -21.71 8.14
C ALA C 71 -4.59 -20.68 7.14
N ILE C 72 -4.83 -19.40 7.42
CA ILE C 72 -4.40 -18.35 6.50
C ILE C 72 -2.88 -18.32 6.37
N ARG C 73 -2.18 -18.38 7.50
CA ARG C 73 -0.72 -18.32 7.43
C ARG C 73 -0.08 -19.65 7.05
N ASN C 74 -0.86 -20.73 6.98
CA ASN C 74 -0.32 -21.99 6.47
C ASN C 74 -0.46 -22.07 4.95
N ASP C 75 -1.67 -21.84 4.44
CA ASP C 75 -1.86 -21.92 3.00
C ASP C 75 -1.17 -20.75 2.32
N GLU C 76 -0.40 -21.03 1.27
CA GLU C 76 0.46 -20.02 0.68
C GLU C 76 -0.33 -18.91 0.01
N GLU C 77 -1.30 -19.28 -0.84
CA GLU C 77 -2.03 -18.28 -1.61
C GLU C 77 -2.82 -17.34 -0.69
N LEU C 78 -3.50 -17.89 0.31
CA LEU C 78 -4.23 -17.05 1.25
C LEU C 78 -3.28 -16.20 2.08
N ASN C 79 -2.09 -16.72 2.38
CA ASN C 79 -1.11 -15.95 3.14
C ASN C 79 -0.69 -14.70 2.38
N LYS C 80 -0.37 -14.85 1.09
CA LYS C 80 0.06 -13.69 0.32
C LYS C 80 -1.10 -12.77 -0.01
N LEU C 81 -2.31 -13.33 -0.16
CA LEU C 81 -3.49 -12.48 -0.37
C LEU C 81 -3.74 -11.60 0.85
N LEU C 82 -3.82 -12.21 2.03
CA LEU C 82 -3.97 -11.47 3.28
C LEU C 82 -2.60 -11.38 3.95
N GLY C 83 -1.68 -10.70 3.28
CA GLY C 83 -0.32 -10.57 3.78
C GLY C 83 -0.12 -9.29 4.55
N LYS C 84 -1.17 -8.47 4.64
CA LYS C 84 -1.11 -7.22 5.40
C LYS C 84 -2.31 -7.11 6.33
N VAL C 85 -2.91 -8.25 6.69
CA VAL C 85 -4.13 -8.30 7.48
C VAL C 85 -3.80 -8.83 8.86
N THR C 86 -4.29 -8.12 9.88
CA THR C 86 -4.10 -8.51 11.28
C THR C 86 -5.33 -9.27 11.75
N ILE C 87 -5.22 -10.60 11.79
CA ILE C 87 -6.30 -11.45 12.30
C ILE C 87 -6.28 -11.29 13.82
N ALA C 88 -7.20 -10.48 14.33
CA ALA C 88 -7.19 -10.10 15.75
C ALA C 88 -7.32 -11.32 16.63
N GLN C 89 -6.50 -11.35 17.68
CA GLN C 89 -6.43 -12.47 18.62
C GLN C 89 -6.21 -13.78 17.86
N GLY C 90 -5.25 -13.75 16.96
CA GLY C 90 -4.96 -14.92 16.14
C GLY C 90 -3.63 -15.57 16.46
N GLY C 91 -2.74 -14.80 17.08
CA GLY C 91 -1.43 -15.31 17.42
C GLY C 91 -0.31 -14.38 16.99
N SER D 1 -23.59 -7.58 7.26
CA SER D 1 -23.26 -8.81 7.97
C SER D 1 -23.66 -10.03 7.15
N TYR D 2 -22.69 -10.94 6.95
CA TYR D 2 -22.88 -12.13 6.13
C TYR D 2 -22.99 -13.39 6.99
N SER D 3 -23.39 -13.23 8.26
CA SER D 3 -23.29 -14.32 9.23
C SER D 3 -24.13 -15.52 8.81
N VAL D 4 -25.35 -15.28 8.31
CA VAL D 4 -26.25 -16.37 7.96
C VAL D 4 -25.64 -17.22 6.86
N TYR D 5 -25.13 -16.57 5.81
CA TYR D 5 -24.56 -17.29 4.68
C TYR D 5 -23.22 -17.95 5.00
N VAL D 6 -22.39 -17.33 5.84
CA VAL D 6 -21.17 -17.99 6.27
C VAL D 6 -21.50 -19.22 7.10
N TYR D 7 -22.53 -19.13 7.95
CA TYR D 7 -23.00 -20.29 8.71
C TYR D 7 -23.47 -21.40 7.78
N LYS D 8 -24.26 -21.05 6.77
CA LYS D 8 -24.76 -22.04 5.82
C LYS D 8 -23.61 -22.69 5.04
N VAL D 9 -22.63 -21.89 4.61
CA VAL D 9 -21.48 -22.45 3.90
C VAL D 9 -20.70 -23.39 4.81
N LEU D 10 -20.52 -22.99 6.07
CA LEU D 10 -19.76 -23.84 7.00
C LEU D 10 -20.48 -25.15 7.25
N LYS D 11 -21.80 -25.12 7.45
CA LYS D 11 -22.52 -26.37 7.64
C LYS D 11 -22.59 -27.18 6.35
N GLN D 12 -22.45 -26.54 5.19
CA GLN D 12 -22.39 -27.26 3.93
C GLN D 12 -21.08 -28.03 3.80
N VAL D 13 -19.95 -27.37 4.06
CA VAL D 13 -18.67 -28.03 3.84
C VAL D 13 -18.33 -28.97 5.00
N HIS D 14 -18.48 -28.50 6.23
CA HIS D 14 -18.20 -29.30 7.44
C HIS D 14 -19.53 -29.51 8.15
N PRO D 15 -20.16 -30.68 7.99
CA PRO D 15 -21.53 -30.84 8.51
C PRO D 15 -21.65 -30.71 10.02
N ASP D 16 -20.65 -31.11 10.78
CA ASP D 16 -20.77 -31.14 12.24
C ASP D 16 -20.02 -30.03 12.95
N THR D 17 -19.22 -29.24 12.24
CA THR D 17 -18.40 -28.22 12.85
C THR D 17 -19.20 -26.96 13.12
N GLY D 18 -18.84 -26.26 14.19
CA GLY D 18 -19.46 -24.99 14.53
C GLY D 18 -18.50 -23.83 14.38
N ILE D 19 -18.84 -22.67 14.96
CA ILE D 19 -18.00 -21.48 14.84
C ILE D 19 -18.40 -20.51 15.94
N SER D 20 -17.44 -19.71 16.39
CA SER D 20 -17.64 -18.76 17.46
C SER D 20 -18.01 -17.38 16.90
N SER D 21 -18.47 -16.51 17.81
CA SER D 21 -18.86 -15.16 17.42
C SER D 21 -17.68 -14.33 16.95
N LYS D 22 -16.51 -14.47 17.58
CA LYS D 22 -15.32 -13.74 17.13
C LYS D 22 -14.84 -14.21 15.75
N ALA D 23 -14.85 -15.52 15.49
CA ALA D 23 -14.52 -16.00 14.15
C ALA D 23 -15.55 -15.52 13.13
N MET D 24 -16.82 -15.50 13.50
CA MET D 24 -17.84 -14.94 12.62
C MET D 24 -17.58 -13.48 12.31
N GLY D 25 -17.21 -12.69 13.31
CA GLY D 25 -16.89 -11.29 13.10
C GLY D 25 -15.67 -11.11 12.22
N ILE D 26 -14.70 -12.01 12.35
CA ILE D 26 -13.51 -11.98 11.49
C ILE D 26 -13.88 -12.28 10.04
N MET D 27 -14.72 -13.30 9.82
CA MET D 27 -15.13 -13.60 8.46
C MET D 27 -16.03 -12.52 7.85
N ASN D 28 -16.85 -11.86 8.65
CA ASN D 28 -17.71 -10.79 8.16
C ASN D 28 -16.95 -9.48 7.98
N SER D 29 -15.69 -9.41 8.41
CA SER D 29 -14.79 -8.35 7.99
C SER D 29 -13.93 -8.76 6.80
N PHE D 30 -13.55 -10.03 6.71
CA PHE D 30 -12.85 -10.57 5.55
C PHE D 30 -13.67 -10.38 4.28
N VAL D 31 -14.95 -10.77 4.34
CA VAL D 31 -15.81 -10.65 3.17
C VAL D 31 -16.02 -9.19 2.78
N ASN D 32 -16.26 -8.33 3.76
CA ASN D 32 -16.44 -6.91 3.47
C ASN D 32 -15.15 -6.23 3.03
N ASP D 33 -13.99 -6.85 3.25
CA ASP D 33 -12.75 -6.30 2.72
C ASP D 33 -12.52 -6.79 1.29
N ILE D 34 -12.74 -8.08 1.05
CA ILE D 34 -12.54 -8.63 -0.30
C ILE D 34 -13.55 -8.05 -1.28
N PHE D 35 -14.79 -7.86 -0.83
CA PHE D 35 -15.80 -7.28 -1.71
C PHE D 35 -15.38 -5.88 -2.15
N GLU D 36 -14.90 -5.07 -1.20
CA GLU D 36 -14.43 -3.74 -1.57
C GLU D 36 -13.20 -3.79 -2.45
N ARG D 37 -12.32 -4.78 -2.25
CA ARG D 37 -11.16 -4.93 -3.12
C ARG D 37 -11.58 -5.21 -4.57
N ILE D 38 -12.41 -6.24 -4.78
CA ILE D 38 -12.84 -6.62 -6.12
C ILE D 38 -13.80 -5.62 -6.74
N ALA D 39 -14.44 -4.77 -5.93
CA ALA D 39 -15.25 -3.70 -6.48
C ALA D 39 -14.46 -2.46 -6.84
N GLY D 40 -13.48 -2.08 -6.01
CA GLY D 40 -12.58 -1.02 -6.39
C GLY D 40 -11.77 -1.34 -7.62
N GLU D 41 -11.37 -2.60 -7.78
CA GLU D 41 -10.66 -2.98 -9.00
C GLU D 41 -11.54 -2.97 -10.24
N ALA D 42 -12.78 -3.45 -10.13
CA ALA D 42 -13.71 -3.38 -11.26
C ALA D 42 -14.15 -1.96 -11.58
N SER D 43 -14.11 -1.06 -10.60
CA SER D 43 -14.31 0.36 -10.87
C SER D 43 -13.09 1.00 -11.54
N ARG D 44 -11.88 0.62 -11.11
CA ARG D 44 -10.68 1.07 -11.78
C ARG D 44 -10.67 0.65 -13.25
N LEU D 45 -11.04 -0.61 -13.52
CA LEU D 45 -11.07 -1.09 -14.90
C LEU D 45 -12.12 -0.36 -15.72
N ALA D 46 -13.31 -0.15 -15.15
CA ALA D 46 -14.36 0.55 -15.87
C ALA D 46 -13.98 1.99 -16.18
N HIS D 47 -13.35 2.68 -15.23
CA HIS D 47 -12.86 4.04 -15.50
C HIS D 47 -11.70 4.05 -16.49
N TYR D 48 -10.80 3.05 -16.42
CA TYR D 48 -9.66 3.01 -17.31
C TYR D 48 -10.07 2.79 -18.77
N ASN D 49 -10.98 1.85 -19.00
CA ASN D 49 -11.43 1.57 -20.35
C ASN D 49 -12.54 2.52 -20.76
N LYS D 50 -12.78 3.54 -19.92
CA LYS D 50 -13.75 4.60 -20.22
C LYS D 50 -15.15 4.04 -20.49
N ARG D 51 -15.50 2.95 -19.81
CA ARG D 51 -16.82 2.35 -19.93
C ARG D 51 -17.71 2.89 -18.81
N SER D 52 -18.93 2.36 -18.73
CA SER D 52 -19.90 2.89 -17.78
C SER D 52 -20.67 1.82 -17.03
N THR D 53 -20.32 0.55 -17.14
CA THR D 53 -21.10 -0.52 -16.53
C THR D 53 -20.15 -1.60 -16.05
N ILE D 54 -20.10 -1.82 -14.73
CA ILE D 54 -19.42 -2.99 -14.20
C ILE D 54 -20.20 -4.22 -14.62
N THR D 55 -19.50 -5.22 -15.17
CA THR D 55 -20.17 -6.39 -15.70
C THR D 55 -19.38 -7.62 -15.26
N SER D 56 -19.70 -8.80 -15.79
CA SER D 56 -18.95 -9.99 -15.44
C SER D 56 -17.48 -9.89 -15.85
N ARG D 57 -17.18 -9.17 -16.93
CA ARG D 57 -15.81 -9.09 -17.42
C ARG D 57 -14.93 -8.27 -16.48
N GLU D 58 -15.46 -7.15 -15.97
CA GLU D 58 -14.68 -6.35 -15.02
C GLU D 58 -14.40 -7.13 -13.74
N ILE D 59 -15.39 -7.88 -13.25
CA ILE D 59 -15.19 -8.70 -12.05
C ILE D 59 -14.17 -9.79 -12.34
N GLN D 60 -14.24 -10.39 -13.53
CA GLN D 60 -13.27 -11.40 -13.95
C GLN D 60 -11.85 -10.86 -13.92
N THR D 61 -11.63 -9.70 -14.54
CA THR D 61 -10.30 -9.12 -14.59
C THR D 61 -9.83 -8.70 -13.20
N ALA D 62 -10.75 -8.17 -12.38
CA ALA D 62 -10.39 -7.82 -11.02
C ALA D 62 -9.98 -9.04 -10.20
N VAL D 63 -10.69 -10.16 -10.37
CA VAL D 63 -10.31 -11.39 -9.69
C VAL D 63 -8.93 -11.84 -10.15
N ARG D 64 -8.68 -11.78 -11.46
CA ARG D 64 -7.37 -12.21 -11.96
C ARG D 64 -6.24 -11.30 -11.47
N LEU D 65 -6.51 -10.00 -11.32
CA LEU D 65 -5.53 -9.11 -10.71
C LEU D 65 -5.31 -9.41 -9.23
N LEU D 66 -6.37 -9.67 -8.48
CA LEU D 66 -6.28 -9.74 -7.02
C LEU D 66 -5.84 -11.12 -6.54
N LEU D 67 -6.64 -12.14 -6.84
CA LEU D 67 -6.36 -13.47 -6.34
C LEU D 67 -5.13 -14.05 -7.05
N PRO D 68 -4.21 -14.65 -6.31
CA PRO D 68 -2.99 -15.17 -6.92
C PRO D 68 -3.09 -16.62 -7.38
N GLY D 69 -2.76 -16.86 -8.63
CA GLY D 69 -2.53 -18.22 -9.15
C GLY D 69 -3.79 -19.09 -9.09
N GLU D 70 -3.70 -20.20 -8.35
CA GLU D 70 -4.80 -21.14 -8.27
C GLU D 70 -6.05 -20.55 -7.66
N LEU D 71 -5.93 -19.61 -6.73
CA LEU D 71 -7.12 -18.96 -6.18
C LEU D 71 -7.88 -18.23 -7.27
N ALA D 72 -7.18 -17.42 -8.07
CA ALA D 72 -7.84 -16.74 -9.18
C ALA D 72 -8.38 -17.72 -10.22
N LYS D 73 -7.62 -18.77 -10.55
CA LYS D 73 -8.11 -19.75 -11.52
C LYS D 73 -9.41 -20.40 -11.07
N HIS D 74 -9.43 -20.94 -9.85
CA HIS D 74 -10.61 -21.59 -9.31
C HIS D 74 -11.77 -20.62 -9.12
N ALA D 75 -11.51 -19.41 -8.63
CA ALA D 75 -12.57 -18.42 -8.45
C ALA D 75 -13.17 -18.00 -9.78
N VAL D 76 -12.34 -17.80 -10.81
CA VAL D 76 -12.85 -17.38 -12.11
C VAL D 76 -13.66 -18.51 -12.74
N SER D 77 -13.22 -19.76 -12.55
CA SER D 77 -14.02 -20.88 -13.03
C SER D 77 -15.36 -20.95 -12.30
N GLU D 78 -15.35 -20.76 -10.98
CA GLU D 78 -16.59 -20.78 -10.20
C GLU D 78 -17.55 -19.69 -10.67
N GLY D 79 -17.03 -18.49 -10.88
CA GLY D 79 -17.88 -17.40 -11.34
C GLY D 79 -18.44 -17.65 -12.73
N THR D 80 -17.61 -18.17 -13.63
CA THR D 80 -18.08 -18.50 -14.97
C THR D 80 -19.21 -19.52 -14.91
N LYS D 81 -19.03 -20.55 -14.08
CA LYS D 81 -20.08 -21.55 -13.91
C LYS D 81 -21.36 -20.93 -13.36
N ALA D 82 -21.21 -20.04 -12.37
CA ALA D 82 -22.38 -19.41 -11.76
C ALA D 82 -23.16 -18.57 -12.76
N VAL D 83 -22.47 -17.71 -13.51
CA VAL D 83 -23.17 -16.86 -14.48
C VAL D 83 -23.70 -17.67 -15.65
N THR D 84 -23.03 -18.75 -16.04
CA THR D 84 -23.57 -19.63 -17.08
C THR D 84 -24.88 -20.27 -16.63
N LYS D 85 -24.92 -20.74 -15.38
CA LYS D 85 -26.15 -21.34 -14.87
C LYS D 85 -27.22 -20.31 -14.61
N TYR D 86 -26.83 -19.06 -14.37
CA TYR D 86 -27.77 -17.98 -14.04
C TYR D 86 -28.75 -17.69 -15.16
N THR D 87 -28.26 -17.70 -16.40
CA THR D 87 -29.11 -17.33 -17.54
C THR D 87 -30.19 -18.37 -17.81
N SER D 88 -29.88 -19.64 -17.56
CA SER D 88 -30.87 -20.70 -17.73
C SER D 88 -31.94 -20.65 -16.64
N SER D 89 -31.69 -19.96 -15.54
CA SER D 89 -32.64 -19.88 -14.44
C SER D 89 -33.10 -18.44 -14.23
N GLY E 1 18.90 -21.62 30.44
CA GLY E 1 19.17 -22.28 29.18
C GLY E 1 17.93 -22.63 28.40
N THR E 2 17.06 -23.45 29.01
CA THR E 2 15.81 -23.86 28.40
C THR E 2 14.66 -22.90 28.72
N VAL E 3 14.87 -21.95 29.63
CA VAL E 3 13.79 -21.02 29.99
C VAL E 3 13.40 -20.16 28.79
N ALA E 4 14.38 -19.69 28.02
CA ALA E 4 14.07 -18.87 26.86
C ALA E 4 13.25 -19.65 25.84
N LEU E 5 13.64 -20.91 25.58
CA LEU E 5 12.90 -21.72 24.62
C LEU E 5 11.49 -22.02 25.12
N ARG E 6 11.34 -22.35 26.40
CA ARG E 6 10.01 -22.65 26.92
C ARG E 6 9.12 -21.40 26.91
N GLU E 7 9.71 -20.23 27.17
CA GLU E 7 8.94 -19.00 27.09
C GLU E 7 8.53 -18.69 25.66
N ILE E 8 9.42 -18.94 24.70
CA ILE E 8 9.08 -18.77 23.29
C ILE E 8 7.89 -19.65 22.93
N ARG E 9 7.95 -20.92 23.34
CA ARG E 9 6.85 -21.84 23.03
C ARG E 9 5.55 -21.39 23.70
N ARG E 10 5.63 -20.98 24.98
CA ARG E 10 4.43 -20.59 25.72
C ARG E 10 3.78 -19.36 25.10
N TYR E 11 4.59 -18.37 24.71
CA TYR E 11 4.01 -17.15 24.15
C TYR E 11 3.77 -17.24 22.65
N GLN E 12 4.19 -18.31 21.99
CA GLN E 12 3.85 -18.54 20.60
C GLN E 12 2.76 -19.57 20.41
N LYS E 13 2.30 -20.21 21.49
CA LYS E 13 1.11 -21.05 21.45
C LYS E 13 -0.13 -20.37 22.02
N SER E 14 0.02 -19.19 22.63
CA SER E 14 -1.08 -18.45 23.21
C SER E 14 -1.32 -17.16 22.44
N THR E 15 -2.57 -16.71 22.45
CA THR E 15 -2.98 -15.49 21.74
C THR E 15 -3.43 -14.38 22.68
N GLU E 16 -3.04 -14.43 23.94
CA GLU E 16 -3.45 -13.40 24.90
C GLU E 16 -2.72 -12.09 24.63
N LEU E 17 -3.13 -11.05 25.36
CA LEU E 17 -2.50 -9.74 25.26
C LEU E 17 -1.38 -9.64 26.28
N LEU E 18 -0.19 -9.23 25.83
CA LEU E 18 1.01 -9.23 26.65
C LEU E 18 1.36 -7.84 27.18
N ILE E 19 0.48 -6.86 27.01
CA ILE E 19 0.64 -5.53 27.61
C ILE E 19 -0.55 -5.28 28.51
N ARG E 20 -0.27 -4.84 29.74
CA ARG E 20 -1.35 -4.67 30.71
C ARG E 20 -2.31 -3.57 30.27
N LYS E 21 -3.60 -3.88 30.35
CA LYS E 21 -4.62 -3.05 29.74
C LYS E 21 -4.75 -1.68 30.40
N LEU E 22 -4.65 -1.59 31.71
CA LEU E 22 -4.77 -0.27 32.35
C LEU E 22 -3.63 0.66 31.97
N PRO E 23 -2.37 0.24 32.06
CA PRO E 23 -1.29 1.14 31.58
C PRO E 23 -1.36 1.42 30.10
N PHE E 24 -1.78 0.46 29.26
CA PHE E 24 -1.93 0.76 27.85
C PHE E 24 -3.00 1.82 27.64
N GLN E 25 -4.13 1.72 28.35
CA GLN E 25 -5.19 2.71 28.25
C GLN E 25 -4.72 4.08 28.70
N ARG E 26 -3.98 4.14 29.81
CA ARG E 26 -3.43 5.41 30.26
C ARG E 26 -2.47 6.02 29.26
N LEU E 27 -1.61 5.21 28.64
CA LEU E 27 -0.71 5.73 27.61
C LEU E 27 -1.49 6.26 26.41
N VAL E 28 -2.51 5.51 25.98
CA VAL E 28 -3.31 5.95 24.83
C VAL E 28 -4.02 7.27 25.14
N ARG E 29 -4.58 7.42 26.33
CA ARG E 29 -5.23 8.67 26.69
C ARG E 29 -4.26 9.82 26.87
N GLU E 30 -3.07 9.58 27.42
CA GLU E 30 -2.05 10.61 27.46
C GLU E 30 -1.63 11.07 26.07
N ILE E 31 -1.49 10.14 25.12
CA ILE E 31 -1.15 10.51 23.75
C ILE E 31 -2.28 11.30 23.11
N ALA E 32 -3.52 10.88 23.31
CA ALA E 32 -4.66 11.57 22.73
C ALA E 32 -4.90 12.95 23.32
N GLN E 33 -4.56 13.17 24.59
CA GLN E 33 -4.68 14.49 25.19
C GLN E 33 -3.72 15.50 24.57
N ASP E 34 -2.69 15.03 23.86
CA ASP E 34 -1.84 15.94 23.11
C ASP E 34 -2.49 16.41 21.82
N PHE E 35 -3.58 15.77 21.39
CA PHE E 35 -4.30 16.16 20.20
C PHE E 35 -5.60 16.90 20.53
N LYS E 36 -6.45 16.29 21.36
CA LYS E 36 -7.74 16.89 21.67
C LYS E 36 -8.07 16.66 23.14
N THR E 37 -8.40 17.74 23.84
CA THR E 37 -8.75 17.65 25.26
C THR E 37 -10.12 17.01 25.44
N ASP E 38 -10.26 16.28 26.55
CA ASP E 38 -11.53 15.68 26.97
C ASP E 38 -12.09 14.75 25.90
N LEU E 39 -11.20 14.01 25.25
CA LEU E 39 -11.60 13.06 24.21
C LEU E 39 -11.84 11.70 24.84
N ARG E 40 -13.05 11.18 24.64
CA ARG E 40 -13.44 9.89 25.20
C ARG E 40 -12.95 8.76 24.29
N PHE E 41 -13.24 7.53 24.70
CA PHE E 41 -12.79 6.35 23.97
C PHE E 41 -13.84 5.25 24.08
N GLN E 42 -13.48 4.02 23.75
CA GLN E 42 -14.42 2.92 23.78
C GLN E 42 -13.76 1.73 24.47
N SER E 43 -14.51 0.65 24.64
CA SER E 43 -13.96 -0.61 25.11
C SER E 43 -13.53 -1.49 23.95
N SER E 44 -13.71 -1.03 22.71
CA SER E 44 -13.20 -1.72 21.54
C SER E 44 -12.17 -0.91 20.77
N ALA E 45 -12.20 0.42 20.84
CA ALA E 45 -11.15 1.22 20.23
C ALA E 45 -9.79 0.96 20.89
N VAL E 46 -9.77 0.99 22.23
CA VAL E 46 -8.53 0.72 22.96
C VAL E 46 -8.06 -0.70 22.73
N MET E 47 -8.99 -1.66 22.65
CA MET E 47 -8.61 -3.03 22.36
C MET E 47 -8.05 -3.20 20.95
N ALA E 48 -8.64 -2.51 19.97
CA ALA E 48 -8.09 -2.55 18.61
C ALA E 48 -6.70 -1.94 18.57
N LEU E 49 -6.49 -0.82 19.28
CA LEU E 49 -5.17 -0.23 19.36
C LEU E 49 -4.18 -1.19 20.02
N GLN E 50 -4.58 -1.86 21.09
CA GLN E 50 -3.70 -2.81 21.75
C GLN E 50 -3.33 -3.97 20.84
N GLU E 51 -4.31 -4.53 20.14
CA GLU E 51 -4.03 -5.65 19.24
C GLU E 51 -3.12 -5.23 18.10
N ALA E 52 -3.38 -4.05 17.52
CA ALA E 52 -2.53 -3.56 16.43
C ALA E 52 -1.11 -3.30 16.89
N SER E 53 -0.95 -2.63 18.02
CA SER E 53 0.38 -2.33 18.53
C SER E 53 1.14 -3.60 18.88
N GLU E 54 0.47 -4.58 19.49
CA GLU E 54 1.15 -5.83 19.82
C GLU E 54 1.54 -6.63 18.59
N ALA E 55 0.67 -6.70 17.58
CA ALA E 55 1.04 -7.37 16.34
C ALA E 55 2.18 -6.66 15.63
N TYR E 56 2.17 -5.32 15.63
CA TYR E 56 3.25 -4.56 15.00
C TYR E 56 4.57 -4.77 15.73
N LEU E 57 4.57 -4.75 17.07
CA LEU E 57 5.80 -5.00 17.80
C LEU E 57 6.28 -6.44 17.63
N VAL E 58 5.37 -7.40 17.54
CA VAL E 58 5.78 -8.78 17.32
C VAL E 58 6.43 -8.93 15.96
N GLY E 59 5.84 -8.32 14.91
CA GLY E 59 6.48 -8.36 13.60
C GLY E 59 7.82 -7.65 13.58
N LEU E 60 7.89 -6.48 14.22
CA LEU E 60 9.14 -5.75 14.32
C LEU E 60 10.21 -6.58 15.02
N PHE E 61 9.83 -7.31 16.08
CA PHE E 61 10.79 -8.13 16.79
C PHE E 61 11.20 -9.37 16.01
N GLU E 62 10.31 -9.94 15.20
CA GLU E 62 10.75 -11.02 14.31
C GLU E 62 11.77 -10.52 13.29
N ASP E 63 11.53 -9.37 12.68
CA ASP E 63 12.51 -8.82 11.75
C ASP E 63 13.80 -8.41 12.45
N THR E 64 13.70 -7.91 13.68
CA THR E 64 14.89 -7.58 14.46
C THR E 64 15.68 -8.83 14.80
N ASN E 65 14.99 -9.94 15.09
CA ASN E 65 15.68 -11.21 15.29
C ASN E 65 16.40 -11.64 14.02
N LEU E 66 15.77 -11.45 12.86
CA LEU E 66 16.46 -11.76 11.62
C LEU E 66 17.72 -10.91 11.44
N CYS E 67 17.62 -9.61 11.73
CA CYS E 67 18.79 -8.73 11.68
C CYS E 67 19.87 -9.15 12.67
N ALA E 68 19.49 -9.66 13.84
CA ALA E 68 20.47 -10.11 14.82
C ALA E 68 21.16 -11.40 14.39
N ILE E 69 20.40 -12.34 13.80
CA ILE E 69 21.01 -13.55 13.26
C ILE E 69 21.94 -13.21 12.11
N HIS E 70 21.62 -12.15 11.35
CA HIS E 70 22.50 -11.71 10.26
C HIS E 70 23.89 -11.36 10.78
N ALA E 71 23.97 -10.63 11.90
CA ALA E 71 25.25 -10.13 12.39
C ALA E 71 25.97 -11.15 13.24
N LYS E 72 25.65 -12.43 13.07
CA LYS E 72 26.22 -13.51 13.87
C LYS E 72 26.00 -13.26 15.37
N ARG E 73 24.73 -13.14 15.74
CA ARG E 73 24.37 -12.78 17.11
C ARG E 73 23.07 -13.47 17.47
N VAL E 74 22.82 -13.65 18.77
CA VAL E 74 21.51 -14.06 19.25
C VAL E 74 20.86 -12.98 20.11
N THR E 75 21.57 -11.89 20.37
CA THR E 75 21.06 -10.79 21.20
C THR E 75 20.61 -9.67 20.29
N ILE E 76 19.33 -9.35 20.32
CA ILE E 76 18.82 -8.21 19.55
C ILE E 76 19.28 -6.91 20.20
N MET E 77 19.42 -5.88 19.39
CA MET E 77 19.99 -4.61 19.82
C MET E 77 19.30 -3.46 19.10
N PRO E 78 19.45 -2.23 19.60
CA PRO E 78 18.90 -1.08 18.87
C PRO E 78 19.44 -0.96 17.45
N LYS E 79 20.66 -1.43 17.19
CA LYS E 79 21.14 -1.48 15.82
C LYS E 79 20.27 -2.40 14.96
N ASP E 80 19.91 -3.57 15.49
CA ASP E 80 19.06 -4.48 14.74
C ASP E 80 17.66 -3.90 14.54
N ILE E 81 17.11 -3.26 15.57
CA ILE E 81 15.82 -2.60 15.42
C ILE E 81 15.87 -1.52 14.36
N GLN E 82 16.93 -0.71 14.38
CA GLN E 82 17.07 0.38 13.41
C GLN E 82 17.21 -0.17 12.00
N LEU E 83 17.99 -1.24 11.81
CA LEU E 83 18.13 -1.82 10.49
C LEU E 83 16.81 -2.38 9.98
N ALA E 84 16.09 -3.11 10.82
CA ALA E 84 14.79 -3.64 10.41
C ALA E 84 13.85 -2.51 10.01
N ARG E 85 13.78 -1.46 10.82
CA ARG E 85 12.87 -0.35 10.52
C ARG E 85 13.27 0.38 9.25
N ARG E 86 14.57 0.64 9.04
CA ARG E 86 14.99 1.31 7.83
C ARG E 86 14.68 0.49 6.59
N ILE E 87 14.87 -0.83 6.66
CA ILE E 87 14.63 -1.66 5.48
C ILE E 87 13.13 -1.74 5.18
N ARG E 88 12.29 -1.93 6.20
CA ARG E 88 10.86 -2.03 5.90
C ARG E 88 10.24 -0.67 5.64
N GLY E 89 10.95 0.41 5.92
CA GLY E 89 10.56 1.73 5.46
C GLY E 89 10.34 2.78 6.55
N GLU E 90 10.03 2.41 7.79
CA GLU E 90 9.71 3.42 8.79
C GLU E 90 10.96 4.17 9.23
N ASP F 1 4.02 11.11 33.05
CA ASP F 1 4.88 10.23 32.27
C ASP F 1 4.36 8.80 32.47
N ASN F 2 3.56 8.33 31.51
CA ASN F 2 2.98 7.00 31.56
C ASN F 2 3.59 6.06 30.53
N ILE F 3 4.76 6.40 30.00
CA ILE F 3 5.44 5.53 29.05
C ILE F 3 6.13 4.36 29.74
N GLN F 4 6.43 4.47 31.03
CA GLN F 4 6.97 3.33 31.76
C GLN F 4 5.92 2.24 31.97
N GLY F 5 4.66 2.54 31.65
CA GLY F 5 3.60 1.56 31.73
C GLY F 5 3.86 0.35 30.85
N ILE F 6 4.68 0.53 29.81
CA ILE F 6 5.15 -0.58 29.00
C ILE F 6 6.40 -1.13 29.67
N THR F 7 6.22 -2.02 30.64
CA THR F 7 7.30 -2.43 31.50
C THR F 7 8.21 -3.44 30.81
N LYS F 8 9.37 -3.67 31.41
CA LYS F 8 10.33 -4.66 30.90
C LYS F 8 9.75 -6.05 30.69
N PRO F 9 8.97 -6.62 31.62
CA PRO F 9 8.37 -7.94 31.34
C PRO F 9 7.45 -7.94 30.13
N ALA F 10 6.70 -6.87 29.89
CA ALA F 10 5.82 -6.84 28.73
C ALA F 10 6.60 -6.81 27.42
N ILE F 11 7.66 -6.00 27.36
CA ILE F 11 8.50 -5.95 26.18
C ILE F 11 9.20 -7.29 25.97
N ARG F 12 9.64 -7.91 27.07
CA ARG F 12 10.25 -9.23 26.98
C ARG F 12 9.27 -10.26 26.45
N ARG F 13 8.01 -10.22 26.90
CA ARG F 13 7.00 -11.13 26.39
C ARG F 13 6.74 -10.91 24.90
N LEU F 14 6.63 -9.65 24.48
CA LEU F 14 6.46 -9.34 23.06
C LEU F 14 7.65 -9.80 22.23
N ALA F 15 8.87 -9.71 22.77
CA ALA F 15 10.04 -10.18 22.05
C ALA F 15 10.09 -11.71 21.98
N ARG F 16 9.78 -12.37 23.09
CA ARG F 16 9.83 -13.83 23.13
C ARG F 16 8.76 -14.44 22.26
N ARG F 17 7.64 -13.73 22.04
CA ARG F 17 6.70 -14.18 21.02
C ARG F 17 7.30 -14.06 19.63
N GLY F 18 8.23 -13.13 19.43
CA GLY F 18 8.84 -12.94 18.13
C GLY F 18 10.07 -13.79 17.88
N GLY F 19 10.28 -14.79 18.74
CA GLY F 19 11.38 -15.71 18.55
C GLY F 19 12.68 -15.29 19.20
N VAL F 20 12.70 -14.09 19.77
CA VAL F 20 13.91 -13.53 20.35
C VAL F 20 14.40 -14.39 21.52
N LYS F 21 15.66 -14.82 21.46
CA LYS F 21 16.20 -15.68 22.50
C LYS F 21 16.95 -14.88 23.57
N ARG F 22 17.54 -13.75 23.20
CA ARG F 22 18.19 -12.87 24.17
C ARG F 22 17.89 -11.43 23.80
N ILE F 23 17.81 -10.58 24.83
CA ILE F 23 17.43 -9.18 24.66
C ILE F 23 18.48 -8.31 25.33
N SER F 24 18.94 -7.28 24.62
CA SER F 24 19.88 -6.32 25.19
C SER F 24 19.21 -5.50 26.28
N GLY F 25 20.00 -4.71 27.01
CA GLY F 25 19.47 -3.91 28.10
C GLY F 25 18.96 -2.57 27.66
N LEU F 26 19.22 -2.20 26.40
CA LEU F 26 18.75 -0.95 25.84
C LEU F 26 17.61 -1.14 24.84
N ILE F 27 17.15 -2.38 24.66
CA ILE F 27 16.02 -2.64 23.77
C ILE F 27 14.75 -2.03 24.31
N TYR F 28 14.57 -2.02 25.63
CA TYR F 28 13.32 -1.56 26.21
C TYR F 28 13.10 -0.06 25.96
N GLU F 29 14.13 0.74 26.18
CA GLU F 29 14.05 2.18 26.01
C GLU F 29 13.77 2.55 24.56
N GLU F 30 14.22 1.74 23.60
CA GLU F 30 14.02 2.00 22.19
C GLU F 30 12.64 1.52 21.74
N THR F 31 12.21 0.35 22.24
CA THR F 31 10.88 -0.15 21.95
C THR F 31 9.81 0.77 22.50
N ARG F 32 10.09 1.45 23.60
CA ARG F 32 9.15 2.44 24.11
C ARG F 32 8.94 3.57 23.09
N GLY F 33 10.02 4.07 22.51
CA GLY F 33 9.88 5.10 21.49
C GLY F 33 9.20 4.60 20.23
N VAL F 34 9.49 3.37 19.83
CA VAL F 34 8.83 2.77 18.67
C VAL F 34 7.33 2.69 18.89
N LEU F 35 6.92 2.16 20.04
CA LEU F 35 5.50 2.09 20.36
C LEU F 35 4.90 3.49 20.43
N LYS F 36 5.65 4.45 20.97
CA LYS F 36 5.13 5.81 21.07
C LYS F 36 4.85 6.41 19.70
N VAL F 37 5.76 6.25 18.73
CA VAL F 37 5.53 6.85 17.42
C VAL F 37 4.41 6.12 16.68
N PHE F 38 4.37 4.79 16.78
CA PHE F 38 3.27 4.05 16.16
C PHE F 38 1.92 4.46 16.72
N LEU F 39 1.81 4.52 18.05
CA LEU F 39 0.58 4.94 18.69
C LEU F 39 0.23 6.37 18.34
N GLU F 40 1.22 7.26 18.29
CA GLU F 40 0.93 8.64 17.92
C GLU F 40 0.37 8.75 16.51
N ASN F 41 0.94 8.00 15.56
CA ASN F 41 0.41 8.03 14.21
C ASN F 41 -1.03 7.52 14.15
N VAL F 42 -1.27 6.32 14.70
CA VAL F 42 -2.61 5.74 14.60
C VAL F 42 -3.63 6.58 15.35
N ILE F 43 -3.28 7.10 16.52
CA ILE F 43 -4.18 7.92 17.30
C ILE F 43 -4.43 9.27 16.66
N ARG F 44 -3.43 9.88 16.03
CA ARG F 44 -3.69 11.12 15.29
C ARG F 44 -4.66 10.89 14.15
N ASP F 45 -4.50 9.79 13.41
CA ASP F 45 -5.45 9.51 12.33
C ASP F 45 -6.85 9.27 12.86
N ALA F 46 -6.98 8.49 13.95
CA ALA F 46 -8.29 8.23 14.52
C ALA F 46 -8.93 9.49 15.08
N VAL F 47 -8.14 10.36 15.72
CA VAL F 47 -8.68 11.62 16.23
C VAL F 47 -9.10 12.54 15.10
N THR F 48 -8.37 12.51 13.97
CA THR F 48 -8.80 13.28 12.80
C THR F 48 -10.15 12.77 12.29
N TYR F 49 -10.32 11.46 12.20
CA TYR F 49 -11.62 10.89 11.83
C TYR F 49 -12.71 11.34 12.79
N THR F 50 -12.46 11.25 14.10
CA THR F 50 -13.44 11.64 15.10
C THR F 50 -13.80 13.12 15.00
N GLU F 51 -12.81 13.99 14.82
CA GLU F 51 -13.08 15.41 14.64
C GLU F 51 -13.88 15.68 13.37
N HIS F 52 -13.62 14.91 12.30
CA HIS F 52 -14.44 15.04 11.10
C HIS F 52 -15.88 14.66 11.37
N ALA F 53 -16.10 13.60 12.13
CA ALA F 53 -17.46 13.16 12.45
C ALA F 53 -18.14 14.05 13.50
N LYS F 54 -17.57 15.22 13.76
CA LYS F 54 -18.04 16.17 14.80
C LYS F 54 -18.47 15.43 16.07
N ARG F 55 -17.64 14.49 16.50
CA ARG F 55 -17.90 13.70 17.69
C ARG F 55 -16.97 14.12 18.81
N LYS F 56 -17.09 13.46 19.96
CA LYS F 56 -16.11 13.54 21.04
C LYS F 56 -15.74 12.17 21.60
N THR F 57 -16.14 11.08 20.97
CA THR F 57 -15.84 9.73 21.43
C THR F 57 -15.21 8.96 20.26
N VAL F 58 -13.94 8.57 20.43
CA VAL F 58 -13.29 7.73 19.43
C VAL F 58 -13.95 6.37 19.42
N THR F 59 -13.95 5.71 18.26
CA THR F 59 -14.61 4.42 18.12
C THR F 59 -13.66 3.41 17.48
N ALA F 60 -14.03 2.14 17.62
CA ALA F 60 -13.28 1.05 17.01
C ALA F 60 -13.24 1.19 15.49
N MET F 61 -14.28 1.74 14.87
CA MET F 61 -14.24 1.98 13.44
C MET F 61 -13.28 3.09 13.09
N ASP F 62 -13.23 4.14 13.93
CA ASP F 62 -12.21 5.17 13.74
C ASP F 62 -10.81 4.56 13.77
N VAL F 63 -10.54 3.70 14.74
CA VAL F 63 -9.23 3.06 14.84
C VAL F 63 -8.98 2.15 13.64
N VAL F 64 -9.98 1.39 13.20
CA VAL F 64 -9.81 0.48 12.08
C VAL F 64 -9.49 1.25 10.81
N TYR F 65 -10.18 2.36 10.56
CA TYR F 65 -9.89 3.17 9.38
C TYR F 65 -8.51 3.81 9.50
N ALA F 66 -8.16 4.32 10.69
CA ALA F 66 -6.83 4.88 10.90
C ALA F 66 -5.72 3.86 10.67
N LEU F 67 -5.99 2.58 10.91
CA LEU F 67 -5.04 1.52 10.63
C LEU F 67 -5.04 1.10 9.16
N LYS F 68 -6.20 1.12 8.52
CA LYS F 68 -6.28 0.79 7.10
C LYS F 68 -5.59 1.84 6.25
N ARG F 69 -5.55 3.08 6.73
CA ARG F 69 -4.90 4.15 5.97
C ARG F 69 -3.39 3.95 5.84
N GLN F 70 -2.79 3.04 6.59
CA GLN F 70 -1.36 2.78 6.48
C GLN F 70 -1.06 1.31 6.18
N GLY F 71 -1.99 0.60 5.55
CA GLY F 71 -1.74 -0.74 5.06
C GLY F 71 -2.02 -1.87 6.02
N ARG F 72 -2.37 -1.56 7.28
CA ARG F 72 -2.61 -2.59 8.26
C ARG F 72 -4.10 -2.80 8.50
N THR F 73 -4.74 -3.65 7.69
CA THR F 73 -6.15 -3.96 7.87
C THR F 73 -6.35 -4.85 9.08
N LEU F 74 -7.37 -4.52 9.87
CA LEU F 74 -7.68 -5.25 11.09
C LEU F 74 -8.95 -6.07 10.88
N TYR F 75 -8.90 -7.36 11.21
CA TYR F 75 -10.02 -8.28 11.01
C TYR F 75 -10.62 -8.63 12.37
N GLY F 76 -11.87 -8.25 12.57
CA GLY F 76 -12.60 -8.71 13.73
C GLY F 76 -13.29 -7.62 14.52
N PHE F 77 -12.70 -6.43 14.59
CA PHE F 77 -13.26 -5.33 15.35
C PHE F 77 -14.22 -4.48 14.54
N GLY F 78 -14.77 -5.01 13.45
CA GLY F 78 -15.78 -4.33 12.69
C GLY F 78 -17.01 -5.20 12.49
N GLY F 79 -17.16 -6.20 13.36
CA GLY F 79 -18.29 -7.11 13.27
C GLY F 79 -18.51 -7.90 14.54
N SER G 1 -9.85 30.61 -12.53
CA SER G 1 -9.85 30.66 -11.07
C SER G 1 -9.47 32.03 -10.56
N SER G 2 -9.62 33.05 -11.41
CA SER G 2 -9.34 34.42 -11.00
C SER G 2 -10.25 34.90 -9.89
N ARG G 3 -11.38 34.23 -9.67
CA ARG G 3 -12.29 34.64 -8.60
C ARG G 3 -11.69 34.39 -7.22
N ALA G 4 -10.75 33.45 -7.11
CA ALA G 4 -10.16 33.07 -5.82
C ALA G 4 -8.66 33.31 -5.83
N GLY G 5 -8.18 34.10 -6.78
CA GLY G 5 -6.75 34.40 -6.86
C GLY G 5 -5.87 33.19 -7.06
N LEU G 6 -6.26 32.29 -7.94
CA LEU G 6 -5.51 31.08 -8.24
C LEU G 6 -5.06 31.09 -9.69
N GLN G 7 -4.25 30.09 -10.05
CA GLN G 7 -3.79 29.90 -11.42
C GLN G 7 -4.12 28.51 -11.95
N PHE G 8 -5.04 27.81 -11.29
CA PHE G 8 -5.39 26.43 -11.64
C PHE G 8 -6.82 26.37 -12.17
N PRO G 9 -7.21 25.30 -12.85
CA PRO G 9 -8.56 25.26 -13.45
C PRO G 9 -9.64 24.76 -12.50
N VAL G 10 -10.15 25.64 -11.63
CA VAL G 10 -11.24 25.32 -10.71
C VAL G 10 -12.37 24.61 -11.45
N GLY G 11 -12.72 25.10 -12.64
CA GLY G 11 -13.76 24.45 -13.42
C GLY G 11 -13.39 23.03 -13.80
N ARG G 12 -12.13 22.82 -14.20
CA ARG G 12 -11.69 21.48 -14.58
C ARG G 12 -11.66 20.51 -13.41
N VAL G 13 -11.18 20.94 -12.24
CA VAL G 13 -11.21 20.03 -11.10
C VAL G 13 -12.65 19.76 -10.67
N HIS G 14 -13.54 20.76 -10.79
CA HIS G 14 -14.95 20.52 -10.51
C HIS G 14 -15.52 19.46 -11.45
N ARG G 15 -15.21 19.56 -12.74
CA ARG G 15 -15.69 18.57 -13.70
C ARG G 15 -15.12 17.18 -13.44
N LEU G 16 -13.82 17.10 -13.13
CA LEU G 16 -13.21 15.82 -12.81
C LEU G 16 -13.83 15.19 -11.58
N LEU G 17 -14.09 15.99 -10.55
CA LEU G 17 -14.77 15.48 -9.36
C LEU G 17 -16.17 14.98 -9.71
N ARG G 18 -16.90 15.74 -10.52
CA ARG G 18 -18.27 15.35 -10.85
C ARG G 18 -18.31 14.06 -11.65
N LYS G 19 -17.42 13.90 -12.63
CA LYS G 19 -17.40 12.69 -13.45
C LYS G 19 -16.55 11.58 -12.84
N GLY G 20 -15.87 11.85 -11.72
CA GLY G 20 -14.98 10.84 -11.16
C GLY G 20 -15.72 9.73 -10.44
N ASN G 21 -17.03 9.88 -10.29
CA ASN G 21 -17.86 8.97 -9.51
C ASN G 21 -17.37 8.91 -8.06
N TYR G 22 -16.99 10.06 -7.52
CA TYR G 22 -16.49 10.14 -6.16
C TYR G 22 -17.59 10.42 -5.15
N ALA G 23 -18.80 10.77 -5.60
CA ALA G 23 -19.95 10.99 -4.75
C ALA G 23 -21.15 11.22 -5.66
N GLU G 24 -22.34 11.13 -5.07
CA GLU G 24 -23.55 11.48 -5.81
C GLU G 24 -23.59 12.97 -6.13
N ARG G 25 -23.15 13.80 -5.19
CA ARG G 25 -23.11 15.24 -5.36
C ARG G 25 -21.74 15.77 -4.96
N VAL G 26 -21.37 16.89 -5.56
CA VAL G 26 -20.11 17.57 -5.25
C VAL G 26 -20.41 19.00 -4.87
N GLY G 27 -19.84 19.45 -3.75
CA GLY G 27 -20.06 20.78 -3.24
C GLY G 27 -19.46 21.85 -4.11
N ALA G 28 -19.64 23.10 -3.69
CA ALA G 28 -19.20 24.25 -4.46
C ALA G 28 -18.02 24.92 -3.75
N GLY G 29 -17.34 24.16 -2.91
CA GLY G 29 -16.13 24.64 -2.29
C GLY G 29 -14.98 23.65 -2.42
N ALA G 30 -15.33 22.42 -2.78
CA ALA G 30 -14.35 21.37 -3.03
C ALA G 30 -13.47 21.72 -4.24
N PRO G 31 -14.04 22.18 -5.37
CA PRO G 31 -13.16 22.58 -6.48
C PRO G 31 -12.15 23.63 -6.10
N VAL G 32 -12.59 24.72 -5.46
CA VAL G 32 -11.68 25.78 -5.06
C VAL G 32 -10.65 25.29 -4.05
N TYR G 33 -11.07 24.52 -3.05
CA TYR G 33 -10.13 24.04 -2.04
C TYR G 33 -9.06 23.13 -2.65
N MET G 34 -9.49 22.16 -3.45
CA MET G 34 -8.52 21.25 -4.05
C MET G 34 -7.63 21.95 -5.05
N ALA G 35 -8.16 22.93 -5.80
CA ALA G 35 -7.33 23.71 -6.69
C ALA G 35 -6.26 24.50 -5.93
N ALA G 36 -6.63 25.11 -4.80
CA ALA G 36 -5.65 25.81 -3.99
C ALA G 36 -4.61 24.89 -3.37
N VAL G 37 -5.02 23.70 -2.92
CA VAL G 37 -4.06 22.73 -2.40
C VAL G 37 -3.09 22.28 -3.48
N LEU G 38 -3.61 21.99 -4.67
CA LEU G 38 -2.78 21.59 -5.80
C LEU G 38 -1.79 22.69 -6.15
N GLU G 39 -2.26 23.94 -6.14
CA GLU G 39 -1.41 25.09 -6.41
C GLU G 39 -0.30 25.24 -5.38
N TYR G 40 -0.62 25.05 -4.09
CA TYR G 40 0.40 25.13 -3.07
C TYR G 40 1.46 24.04 -3.24
N LEU G 41 1.04 22.81 -3.49
CA LEU G 41 2.03 21.74 -3.69
C LEU G 41 2.88 22.00 -4.91
N THR G 42 2.25 22.45 -6.01
CA THR G 42 2.99 22.81 -7.22
C THR G 42 4.03 23.90 -6.94
N ALA G 43 3.63 24.96 -6.25
CA ALA G 43 4.55 26.05 -5.97
C ALA G 43 5.70 25.59 -5.07
N GLU G 44 5.41 24.77 -4.07
CA GLU G 44 6.47 24.25 -3.21
C GLU G 44 7.47 23.42 -4.02
N ILE G 45 6.96 22.55 -4.89
CA ILE G 45 7.83 21.68 -5.68
C ILE G 45 8.71 22.51 -6.61
N LEU G 46 8.12 23.47 -7.32
CA LEU G 46 8.92 24.24 -8.28
C LEU G 46 9.61 25.44 -7.64
N GLU G 47 9.52 25.57 -6.33
CA GLU G 47 10.45 26.42 -5.59
C GLU G 47 11.68 25.65 -5.15
N LEU G 48 11.48 24.47 -4.55
CA LEU G 48 12.61 23.65 -4.16
C LEU G 48 13.42 23.20 -5.37
N ALA G 49 12.76 22.73 -6.43
CA ALA G 49 13.46 22.28 -7.63
C ALA G 49 14.09 23.45 -8.36
N GLY G 50 13.46 24.62 -8.31
CA GLY G 50 14.07 25.81 -8.90
C GLY G 50 15.36 26.20 -8.19
N ASN G 51 15.34 26.20 -6.86
CA ASN G 51 16.57 26.46 -6.11
C ASN G 51 17.63 25.41 -6.42
N ALA G 52 17.22 24.15 -6.51
CA ALA G 52 18.16 23.08 -6.85
C ALA G 52 18.79 23.32 -8.22
N ALA G 53 18.00 23.68 -9.22
CA ALA G 53 18.52 23.92 -10.56
C ALA G 53 19.41 25.14 -10.59
N ARG G 54 19.12 26.16 -9.77
CA ARG G 54 20.03 27.29 -9.69
C ARG G 54 21.37 26.88 -9.08
N ASP G 55 21.35 25.95 -8.11
CA ASP G 55 22.59 25.50 -7.51
C ASP G 55 23.41 24.60 -8.42
N ASN G 56 22.81 24.08 -9.50
CA ASN G 56 23.51 23.24 -10.47
C ASN G 56 23.93 24.01 -11.72
N LYS G 57 23.96 25.34 -11.65
CA LYS G 57 24.33 26.24 -12.75
C LYS G 57 23.51 25.98 -14.01
N LYS G 58 22.22 25.67 -13.83
CA LYS G 58 21.32 25.46 -14.95
C LYS G 58 20.13 26.39 -14.80
N THR G 59 19.50 26.71 -15.93
CA THR G 59 18.32 27.58 -15.96
C THR G 59 17.04 26.82 -16.30
N ARG G 60 17.11 25.49 -16.34
CA ARG G 60 15.95 24.67 -16.67
C ARG G 60 15.78 23.56 -15.65
N ILE G 61 14.54 23.36 -15.20
CA ILE G 61 14.21 22.27 -14.30
C ILE G 61 14.26 20.97 -15.08
N ILE G 62 14.84 19.93 -14.48
CA ILE G 62 14.92 18.61 -15.11
C ILE G 62 14.56 17.56 -14.07
N PRO G 63 14.24 16.33 -14.47
CA PRO G 63 13.86 15.30 -13.48
C PRO G 63 14.94 15.06 -12.43
N ARG G 64 16.21 15.17 -12.77
CA ARG G 64 17.27 15.03 -11.77
C ARG G 64 17.14 16.07 -10.68
N HIS G 65 16.79 17.31 -11.05
CA HIS G 65 16.55 18.36 -10.08
C HIS G 65 15.24 18.16 -9.32
N LEU G 66 14.20 17.65 -9.98
CA LEU G 66 12.96 17.36 -9.28
C LEU G 66 13.14 16.32 -8.18
N GLN G 67 13.90 15.26 -8.47
CA GLN G 67 14.24 14.27 -7.44
C GLN G 67 15.38 14.74 -6.56
N LEU G 68 15.97 15.91 -6.83
CA LEU G 68 16.94 16.52 -5.93
C LEU G 68 16.23 17.42 -4.93
N ALA G 69 15.01 17.81 -5.24
CA ALA G 69 14.17 18.58 -4.33
C ALA G 69 13.25 17.69 -3.50
N ILE G 70 12.59 16.72 -4.12
CA ILE G 70 11.72 15.81 -3.38
C ILE G 70 12.52 15.01 -2.37
N ARG G 71 13.68 14.49 -2.78
CA ARG G 71 14.47 13.67 -1.88
C ARG G 71 15.21 14.49 -0.83
N ASN G 72 15.54 15.75 -1.11
CA ASN G 72 16.20 16.59 -0.13
C ASN G 72 15.24 17.37 0.73
N ASP G 73 13.93 17.27 0.47
CA ASP G 73 12.93 17.81 1.37
C ASP G 73 12.24 16.66 2.10
N GLU G 74 12.32 16.66 3.43
CA GLU G 74 11.82 15.54 4.21
C GLU G 74 10.30 15.43 4.16
N GLU G 75 9.58 16.55 4.06
CA GLU G 75 8.14 16.48 3.90
C GLU G 75 7.75 15.86 2.56
N LEU G 76 8.33 16.36 1.47
CA LEU G 76 8.05 15.79 0.16
C LEU G 76 8.59 14.38 0.02
N ASN G 77 9.71 14.08 0.69
CA ASN G 77 10.24 12.71 0.65
C ASN G 77 9.26 11.74 1.28
N LYS G 78 8.69 12.10 2.44
CA LYS G 78 7.70 11.23 3.07
C LYS G 78 6.45 11.13 2.22
N LEU G 79 5.99 12.27 1.68
CA LEU G 79 4.78 12.26 0.84
C LEU G 79 4.96 11.34 -0.36
N LEU G 80 5.91 11.67 -1.22
CA LEU G 80 6.26 10.82 -2.36
C LEU G 80 7.39 9.89 -1.96
N GLY G 81 7.03 8.81 -1.27
CA GLY G 81 8.00 7.85 -0.79
C GLY G 81 8.04 6.60 -1.66
N LYS G 82 6.95 6.33 -2.37
CA LYS G 82 6.85 5.18 -3.26
C LYS G 82 6.71 5.64 -4.72
N VAL G 83 7.47 6.67 -5.10
CA VAL G 83 7.38 7.27 -6.42
C VAL G 83 8.71 7.08 -7.13
N THR G 84 8.64 6.57 -8.35
CA THR G 84 9.80 6.38 -9.21
C THR G 84 9.85 7.52 -10.21
N ILE G 85 10.53 8.60 -9.85
CA ILE G 85 10.70 9.73 -10.77
C ILE G 85 11.55 9.27 -11.95
N ALA G 86 11.00 9.39 -13.15
CA ALA G 86 11.71 8.98 -14.35
C ALA G 86 12.94 9.85 -14.58
N GLN G 87 14.03 9.21 -15.02
CA GLN G 87 15.28 9.90 -15.34
C GLN G 87 15.77 10.76 -14.17
N GLY G 88 15.80 10.17 -12.98
CA GLY G 88 16.11 10.95 -11.79
C GLY G 88 17.41 10.62 -11.09
N GLY G 89 17.84 9.36 -11.18
CA GLY G 89 19.01 8.95 -10.43
C GLY G 89 18.72 8.87 -8.94
N VAL G 90 19.79 8.73 -8.16
CA VAL G 90 19.69 8.67 -6.70
C VAL G 90 20.75 9.57 -6.09
N LEU G 91 20.37 10.28 -5.03
CA LEU G 91 21.28 11.07 -4.20
C LEU G 91 20.55 11.64 -3.00
N SER H 1 -2.08 17.90 -19.57
CA SER H 1 -3.37 18.16 -18.95
C SER H 1 -3.32 19.42 -18.08
N TYR H 2 -2.15 19.66 -17.46
CA TYR H 2 -1.97 20.85 -16.64
C TYR H 2 -0.72 21.63 -17.05
N SER H 3 -0.14 21.34 -18.22
CA SER H 3 1.14 21.89 -18.63
C SER H 3 1.14 23.42 -18.58
N VAL H 4 0.05 24.04 -19.02
CA VAL H 4 -0.07 25.49 -19.03
C VAL H 4 -0.01 26.03 -17.61
N TYR H 5 -0.71 25.37 -16.70
CA TYR H 5 -0.97 25.94 -15.37
C TYR H 5 0.28 25.94 -14.51
N VAL H 6 1.14 24.94 -14.67
CA VAL H 6 2.40 24.91 -13.94
C VAL H 6 3.29 26.07 -14.36
N TYR H 7 3.33 26.36 -15.67
CA TYR H 7 4.10 27.50 -16.16
C TYR H 7 3.67 28.79 -15.49
N LYS H 8 2.36 28.97 -15.29
CA LYS H 8 1.85 30.18 -14.65
C LYS H 8 2.45 30.33 -13.26
N VAL H 9 2.42 29.26 -12.46
CA VAL H 9 3.03 29.29 -11.14
C VAL H 9 4.56 29.40 -11.25
N LEU H 10 5.14 28.75 -12.25
CA LEU H 10 6.60 28.79 -12.42
C LEU H 10 7.09 30.22 -12.63
N LYS H 11 6.38 30.99 -13.45
CA LYS H 11 6.78 32.36 -13.75
C LYS H 11 6.70 33.28 -12.53
N GLN H 12 6.04 32.86 -11.46
CA GLN H 12 5.95 33.66 -10.24
C GLN H 12 7.12 33.46 -9.30
N VAL H 13 7.44 32.21 -8.94
CA VAL H 13 8.48 31.96 -7.94
C VAL H 13 9.86 31.87 -8.60
N HIS H 14 9.92 31.55 -9.89
CA HIS H 14 11.17 31.52 -10.64
C HIS H 14 10.94 32.21 -11.97
N PRO H 15 11.04 33.55 -12.00
CA PRO H 15 10.72 34.28 -13.24
C PRO H 15 11.62 33.91 -14.41
N ASP H 16 12.89 33.63 -14.18
CA ASP H 16 13.85 33.39 -15.26
C ASP H 16 14.08 31.92 -15.57
N THR H 17 13.50 31.01 -14.80
CA THR H 17 13.80 29.59 -14.90
C THR H 17 12.77 28.89 -15.77
N GLY H 18 13.23 28.26 -16.84
CA GLY H 18 12.38 27.43 -17.67
C GLY H 18 12.29 26.02 -17.11
N ILE H 19 11.64 25.15 -17.89
CA ILE H 19 11.42 23.77 -17.48
C ILE H 19 11.46 22.88 -18.71
N SER H 20 12.01 21.67 -18.54
CA SER H 20 12.11 20.72 -19.63
C SER H 20 10.74 20.16 -19.98
N SER H 21 10.65 19.53 -21.15
CA SER H 21 9.43 18.83 -21.56
C SER H 21 9.37 17.42 -20.98
N LYS H 22 10.44 16.96 -20.35
CA LYS H 22 10.42 15.72 -19.59
C LYS H 22 10.08 15.93 -18.13
N ALA H 23 10.38 17.11 -17.58
CA ALA H 23 10.01 17.45 -16.22
C ALA H 23 8.53 17.76 -16.09
N MET H 24 7.93 18.38 -17.11
CA MET H 24 6.50 18.67 -17.06
C MET H 24 5.68 17.40 -17.27
N GLY H 25 6.27 16.36 -17.84
CA GLY H 25 5.60 15.07 -17.89
C GLY H 25 5.50 14.44 -16.51
N ILE H 26 6.36 14.87 -15.59
CA ILE H 26 6.28 14.39 -14.21
C ILE H 26 5.18 15.14 -13.46
N MET H 27 5.16 16.46 -13.57
CA MET H 27 4.17 17.26 -12.85
C MET H 27 2.77 17.00 -13.35
N ASN H 28 2.61 16.60 -14.61
CA ASN H 28 1.29 16.19 -15.08
C ASN H 28 0.89 14.85 -14.45
N SER H 29 1.87 14.00 -14.15
CA SER H 29 1.60 12.79 -13.40
C SER H 29 1.67 13.01 -11.89
N PHE H 30 2.13 14.18 -11.44
CA PHE H 30 2.15 14.50 -10.02
C PHE H 30 0.84 15.10 -9.55
N VAL H 31 0.30 16.06 -10.30
CA VAL H 31 -1.01 16.60 -9.97
C VAL H 31 -2.09 15.54 -10.13
N ASN H 32 -2.00 14.73 -11.19
CA ASN H 32 -2.91 13.61 -11.37
C ASN H 32 -2.84 12.61 -10.22
N ASP H 33 -1.72 12.54 -9.52
CA ASP H 33 -1.57 11.61 -8.40
C ASP H 33 -2.10 12.20 -7.10
N ILE H 34 -1.78 13.46 -6.81
CA ILE H 34 -2.25 14.08 -5.58
C ILE H 34 -3.76 14.33 -5.64
N PHE H 35 -4.25 14.80 -6.78
CA PHE H 35 -5.68 15.04 -6.94
C PHE H 35 -6.47 13.77 -6.71
N GLU H 36 -6.06 12.67 -7.33
CA GLU H 36 -6.77 11.40 -7.14
C GLU H 36 -6.66 10.92 -5.70
N ARG H 37 -5.55 11.21 -5.02
CA ARG H 37 -5.39 10.80 -3.63
C ARG H 37 -6.35 11.56 -2.72
N ILE H 38 -6.35 12.90 -2.82
CA ILE H 38 -7.22 13.69 -1.97
C ILE H 38 -8.69 13.41 -2.30
N ALA H 39 -9.02 13.34 -3.58
CA ALA H 39 -10.39 13.05 -3.97
C ALA H 39 -10.77 11.59 -3.74
N GLY H 40 -9.80 10.70 -3.65
CA GLY H 40 -10.09 9.34 -3.23
C GLY H 40 -10.24 9.17 -1.73
N GLU H 41 -9.77 10.14 -0.96
CA GLU H 41 -9.94 10.17 0.48
C GLU H 41 -11.17 10.96 0.90
N ALA H 42 -11.44 12.09 0.25
CA ALA H 42 -12.66 12.84 0.50
C ALA H 42 -13.90 12.11 0.02
N SER H 43 -13.74 11.08 -0.80
CA SER H 43 -14.87 10.24 -1.20
C SER H 43 -15.11 9.08 -0.24
N ARG H 44 -14.11 8.72 0.56
CA ARG H 44 -14.29 7.69 1.57
C ARG H 44 -14.70 8.27 2.91
N LEU H 45 -14.36 9.54 3.17
CA LEU H 45 -14.85 10.22 4.36
C LEU H 45 -16.36 10.36 4.32
N ALA H 46 -16.91 10.71 3.16
CA ALA H 46 -18.35 10.86 3.04
C ALA H 46 -19.07 9.53 3.23
N HIS H 47 -18.51 8.44 2.71
CA HIS H 47 -19.16 7.13 2.86
C HIS H 47 -19.19 6.67 4.31
N TYR H 48 -18.14 6.97 5.09
CA TYR H 48 -18.17 6.68 6.52
C TYR H 48 -19.30 7.42 7.19
N ASN H 49 -19.47 8.70 6.88
CA ASN H 49 -20.51 9.52 7.47
C ASN H 49 -21.86 9.33 6.79
N LYS H 50 -22.01 8.30 5.95
CA LYS H 50 -23.26 8.01 5.26
C LYS H 50 -23.77 9.23 4.49
N ARG H 51 -22.85 9.95 3.86
CA ARG H 51 -23.19 11.14 3.11
C ARG H 51 -22.98 10.91 1.61
N SER H 52 -23.28 11.94 0.83
CA SER H 52 -23.15 11.88 -0.62
C SER H 52 -22.62 13.17 -1.23
N THR H 53 -22.09 14.09 -0.42
CA THR H 53 -21.61 15.37 -0.91
C THR H 53 -20.16 15.57 -0.48
N ILE H 54 -19.28 15.85 -1.45
CA ILE H 54 -17.89 16.18 -1.16
C ILE H 54 -17.79 17.70 -1.02
N THR H 55 -18.05 18.22 0.17
CA THR H 55 -18.02 19.66 0.39
C THR H 55 -16.59 20.12 0.67
N SER H 56 -16.43 21.37 1.10
CA SER H 56 -15.10 21.87 1.42
C SER H 56 -14.53 21.24 2.68
N ARG H 57 -15.37 20.73 3.57
CA ARG H 57 -14.87 20.09 4.79
C ARG H 57 -14.26 18.73 4.48
N GLU H 58 -14.92 17.92 3.65
CA GLU H 58 -14.40 16.60 3.34
C GLU H 58 -13.06 16.66 2.61
N ILE H 59 -12.77 17.77 1.92
CA ILE H 59 -11.46 17.91 1.31
C ILE H 59 -10.40 18.23 2.35
N GLN H 60 -10.72 19.15 3.27
CA GLN H 60 -9.74 19.58 4.27
C GLN H 60 -9.31 18.43 5.16
N THR H 61 -10.27 17.63 5.63
CA THR H 61 -9.92 16.47 6.44
C THR H 61 -9.13 15.44 5.64
N ALA H 62 -9.37 15.36 4.33
CA ALA H 62 -8.56 14.49 3.48
C ALA H 62 -7.16 15.04 3.27
N VAL H 63 -6.99 16.37 3.30
CA VAL H 63 -5.67 16.95 3.14
C VAL H 63 -4.82 16.69 4.38
N ARG H 64 -5.39 16.87 5.57
CA ARG H 64 -4.64 16.63 6.80
C ARG H 64 -4.25 15.17 6.95
N LEU H 65 -5.12 14.24 6.51
CA LEU H 65 -4.82 12.82 6.62
C LEU H 65 -3.71 12.37 5.69
N LEU H 66 -3.49 13.08 4.58
CA LEU H 66 -2.47 12.70 3.60
C LEU H 66 -1.19 13.51 3.73
N LEU H 67 -1.30 14.83 3.77
CA LEU H 67 -0.11 15.68 3.78
C LEU H 67 0.62 15.56 5.11
N PRO H 68 1.96 15.50 5.09
CA PRO H 68 2.72 15.42 6.35
C PRO H 68 2.62 16.69 7.18
N GLY H 69 3.36 16.73 8.29
CA GLY H 69 3.18 17.74 9.33
C GLY H 69 3.05 19.19 8.91
N GLU H 70 4.09 19.77 8.31
CA GLU H 70 4.08 21.18 7.97
C GLU H 70 3.58 21.44 6.56
N LEU H 71 3.52 20.41 5.71
CA LEU H 71 2.82 20.52 4.44
C LEU H 71 1.32 20.68 4.67
N ALA H 72 0.76 19.95 5.63
CA ALA H 72 -0.67 20.00 5.90
C ALA H 72 -1.06 21.25 6.69
N LYS H 73 -0.09 22.02 7.16
CA LYS H 73 -0.42 23.19 7.97
C LYS H 73 -0.62 24.45 7.15
N HIS H 74 0.19 24.67 6.11
CA HIS H 74 -0.02 25.81 5.21
C HIS H 74 -0.97 25.50 4.07
N ALA H 75 -1.13 24.22 3.71
CA ALA H 75 -2.10 23.84 2.69
C ALA H 75 -3.53 24.12 3.16
N VAL H 76 -3.80 23.84 4.44
CA VAL H 76 -5.13 24.13 4.97
C VAL H 76 -5.24 25.59 5.41
N SER H 77 -4.17 26.37 5.24
CA SER H 77 -4.28 27.81 5.41
C SER H 77 -4.40 28.53 4.07
N GLU H 78 -3.53 28.20 3.12
CA GLU H 78 -3.66 28.75 1.77
C GLU H 78 -4.95 28.27 1.12
N GLY H 79 -5.29 26.99 1.30
CA GLY H 79 -6.55 26.49 0.77
C GLY H 79 -7.76 27.14 1.43
N THR H 80 -7.68 27.37 2.74
CA THR H 80 -8.77 28.03 3.44
C THR H 80 -8.93 29.47 2.95
N LYS H 81 -7.81 30.14 2.66
CA LYS H 81 -7.89 31.50 2.14
C LYS H 81 -8.58 31.56 0.78
N ALA H 82 -8.57 30.45 0.03
CA ALA H 82 -9.21 30.44 -1.28
C ALA H 82 -10.73 30.48 -1.16
N VAL H 83 -11.30 29.67 -0.26
CA VAL H 83 -12.76 29.58 -0.18
C VAL H 83 -13.34 30.86 0.42
N THR H 84 -12.62 31.51 1.33
CA THR H 84 -13.13 32.76 1.89
C THR H 84 -12.93 33.94 0.96
N LYS H 85 -12.18 33.78 -0.13
CA LYS H 85 -12.07 34.81 -1.15
C LYS H 85 -13.05 34.60 -2.29
N TYR H 86 -13.25 33.35 -2.72
CA TYR H 86 -14.19 33.05 -3.78
C TYR H 86 -15.64 33.15 -3.34
N THR H 87 -15.94 32.85 -2.07
CA THR H 87 -17.30 33.00 -1.57
C THR H 87 -17.65 34.47 -1.37
N SER H 88 -16.74 35.25 -0.79
CA SER H 88 -16.99 36.65 -0.54
C SER H 88 -16.00 37.54 -1.29
#